data_2PZK
#
_entry.id   2PZK
#
_cell.length_a   192.041
_cell.length_b   49.760
_cell.length_c   76.023
_cell.angle_alpha   90.00
_cell.angle_beta   101.13
_cell.angle_gamma   90.00
#
_symmetry.space_group_name_H-M   'C 1 2 1'
#
loop_
_entity.id
_entity.type
_entity.pdbx_description
1 polymer 'Putative nucleotide sugar epimerase/ dehydratase'
2 non-polymer 'MAGNESIUM ION'
3 non-polymer NICOTINAMIDE-ADENINE-DINUCLEOTIDE
4 water water
#
_entity_poly.entity_id   1
_entity_poly.type   'polypeptide(L)'
_entity_poly.pdbx_seq_one_letter_code
;MGSSHHHHHHSSGLVPRGSHMRILITGGAGCLGSNLIEHWLPQGHEILVIDNFATGKREVLPPVAGLSVIEGSVTDAGLL
ERAFDSFKPTHVVHSAAAYKDPDDWAEDAATNVQGSINVAKAASKAGVKRLLNFQTALCYGRPATVPIPIDSPTAPFTSY
GISKTAGEAFLMMSDVPVVSLRLANVTGPRLAIGPIPTFYKRLKAGQKCFCSDTVRDFLDMSDFLAIADLSLQEGRPTGV
FNVSTGEGHSIKEVFDVVLDYVGATLAEPVPVVAPGADDVPSVVLDPSKTETEFGWKAKVDFKDTITGQLAWYDKYGVTD
IFSHLSAPKT
;
_entity_poly.pdbx_strand_id   A,B
#
loop_
_chem_comp.id
_chem_comp.type
_chem_comp.name
_chem_comp.formula
MG non-polymer 'MAGNESIUM ION' 'Mg 2'
NAD non-polymer NICOTINAMIDE-ADENINE-DINUCLEOTIDE 'C21 H27 N7 O14 P2'
#
# COMPACT_ATOMS: atom_id res chain seq x y z
N SER A 19 2.72 11.14 -34.78
CA SER A 19 3.19 11.36 -33.37
C SER A 19 2.29 12.33 -32.57
N HIS A 20 1.13 12.69 -33.14
CA HIS A 20 0.12 13.48 -32.43
C HIS A 20 -0.48 12.68 -31.27
N MET A 21 -0.58 13.35 -30.13
CA MET A 21 -1.05 12.70 -28.93
C MET A 21 -2.31 13.41 -28.46
N ARG A 22 -3.29 12.63 -28.02
CA ARG A 22 -4.38 13.14 -27.21
C ARG A 22 -4.06 12.75 -25.75
N ILE A 23 -3.60 13.71 -24.95
CA ILE A 23 -3.02 13.37 -23.62
C ILE A 23 -3.97 13.78 -22.51
N LEU A 24 -4.40 12.80 -21.72
CA LEU A 24 -5.17 13.06 -20.50
C LEU A 24 -4.18 13.12 -19.35
N ILE A 25 -4.11 14.27 -18.66
CA ILE A 25 -3.17 14.50 -17.55
C ILE A 25 -3.94 14.76 -16.26
N THR A 26 -3.99 13.77 -15.36
CA THR A 26 -4.58 14.03 -14.04
C THR A 26 -3.58 14.82 -13.23
N GLY A 27 -4.05 15.72 -12.37
CA GLY A 27 -3.15 16.61 -11.64
C GLY A 27 -2.39 17.64 -12.49
N GLY A 28 -2.92 17.96 -13.66
CA GLY A 28 -2.21 18.84 -14.64
C GLY A 28 -2.04 20.26 -14.20
N ALA A 29 -2.72 20.61 -13.12
CA ALA A 29 -2.58 21.95 -12.55
C ALA A 29 -1.40 22.10 -11.62
N GLY A 30 -0.72 20.99 -11.28
CA GLY A 30 0.39 21.05 -10.37
C GLY A 30 1.71 21.41 -11.03
N CYS A 31 2.79 21.29 -10.28
CA CYS A 31 4.08 21.68 -10.79
C CYS A 31 4.50 20.87 -12.04
N LEU A 32 4.52 19.55 -11.90
CA LEU A 32 4.99 18.69 -13.02
C LEU A 32 4.01 18.72 -14.21
N GLY A 33 2.72 18.63 -13.89
CA GLY A 33 1.63 18.64 -14.86
C GLY A 33 1.68 19.91 -15.71
N SER A 34 1.77 21.06 -15.06
CA SER A 34 1.71 22.35 -15.74
C SER A 34 2.94 22.58 -16.63
N ASN A 35 4.10 22.17 -16.14
CA ASN A 35 5.35 22.18 -16.87
C ASN A 35 5.35 21.26 -18.11
N LEU A 36 4.86 20.04 -17.96
CA LEU A 36 4.45 19.23 -19.08
C LEU A 36 3.54 19.85 -20.11
N ILE A 37 2.48 20.48 -19.68
CA ILE A 37 1.59 21.16 -20.58
C ILE A 37 2.27 22.27 -21.38
N GLU A 38 3.09 23.06 -20.73
CA GLU A 38 3.89 24.11 -21.38
C GLU A 38 4.88 23.58 -22.40
N HIS A 39 5.36 22.38 -22.16
CA HIS A 39 6.24 21.69 -23.10
C HIS A 39 5.46 21.11 -24.30
N TRP A 40 4.30 20.50 -24.03
CA TRP A 40 3.61 19.75 -25.06
C TRP A 40 2.58 20.56 -25.89
N LEU A 41 1.93 21.54 -25.26
CA LEU A 41 0.84 22.21 -25.95
C LEU A 41 1.36 23.01 -27.17
N PRO A 42 2.52 23.70 -27.04
CA PRO A 42 3.09 24.36 -28.24
C PRO A 42 3.43 23.42 -29.40
N GLN A 43 3.54 22.13 -29.13
CA GLN A 43 3.85 21.14 -30.16
C GLN A 43 2.61 20.62 -30.91
N GLY A 44 1.44 21.10 -30.50
CA GLY A 44 0.22 20.82 -31.20
C GLY A 44 -0.59 19.69 -30.59
N HIS A 45 -0.09 19.12 -29.49
CA HIS A 45 -0.81 18.04 -28.80
C HIS A 45 -2.14 18.53 -28.24
N GLU A 46 -3.12 17.65 -28.22
CA GLU A 46 -4.41 17.97 -27.58
C GLU A 46 -4.37 17.40 -26.14
N ILE A 47 -4.75 18.23 -25.17
CA ILE A 47 -4.59 17.90 -23.76
C ILE A 47 -5.89 18.16 -22.98
N LEU A 48 -6.34 17.11 -22.27
CA LEU A 48 -7.34 17.22 -21.19
C LEU A 48 -6.71 17.09 -19.76
N VAL A 49 -7.03 18.03 -18.89
CA VAL A 49 -6.61 18.01 -17.49
C VAL A 49 -7.81 17.67 -16.60
N ILE A 50 -7.58 16.76 -15.65
CA ILE A 50 -8.47 16.58 -14.51
C ILE A 50 -7.73 16.93 -13.23
N ASP A 51 -8.28 17.91 -12.51
CA ASP A 51 -7.68 18.38 -11.28
C ASP A 51 -8.77 18.89 -10.34
N ASN A 52 -8.52 18.75 -9.03
CA ASN A 52 -9.47 19.14 -7.98
C ASN A 52 -8.97 20.38 -7.27
N PHE A 53 -7.82 20.86 -7.73
CA PHE A 53 -7.16 22.06 -7.18
C PHE A 53 -6.85 22.01 -5.68
N ALA A 54 -6.63 20.79 -5.17
CA ALA A 54 -6.15 20.64 -3.79
C ALA A 54 -4.88 21.45 -3.58
N THR A 55 -3.92 21.32 -4.50
CA THR A 55 -2.68 22.08 -4.40
C THR A 55 -2.33 22.86 -5.67
N GLY A 56 -2.81 22.39 -6.82
CA GLY A 56 -2.52 23.06 -8.10
C GLY A 56 -3.37 24.30 -8.24
N LYS A 57 -2.94 25.22 -9.11
CA LYS A 57 -3.58 26.52 -9.23
C LYS A 57 -4.31 26.65 -10.56
N ARG A 58 -5.48 27.30 -10.54
CA ARG A 58 -6.25 27.60 -11.76
C ARG A 58 -5.54 28.56 -12.73
N GLU A 59 -4.60 29.36 -12.23
CA GLU A 59 -3.93 30.36 -13.05
C GLU A 59 -3.01 29.74 -14.13
N VAL A 60 -2.50 28.54 -13.87
CA VAL A 60 -1.54 27.90 -14.80
C VAL A 60 -2.22 27.22 -15.99
N LEU A 61 -3.55 27.27 -16.03
CA LEU A 61 -4.32 26.62 -17.10
C LEU A 61 -5.25 27.60 -17.82
N PRO A 62 -4.66 28.54 -18.59
CA PRO A 62 -5.45 29.53 -19.32
C PRO A 62 -6.36 28.91 -20.40
N PRO A 63 -7.45 29.62 -20.77
CA PRO A 63 -8.34 29.17 -21.84
C PRO A 63 -7.72 29.34 -23.24
N VAL A 64 -6.92 28.36 -23.64
CA VAL A 64 -6.23 28.38 -24.94
C VAL A 64 -6.65 27.18 -25.77
N ALA A 65 -6.46 27.28 -27.08
CA ALA A 65 -6.72 26.19 -28.01
C ALA A 65 -5.85 24.98 -27.69
N GLY A 66 -6.44 23.78 -27.77
CA GLY A 66 -5.71 22.57 -27.49
C GLY A 66 -5.82 22.10 -26.03
N LEU A 67 -6.22 23.00 -25.13
CA LEU A 67 -6.30 22.68 -23.69
C LEU A 67 -7.74 22.65 -23.12
N SER A 68 -8.13 21.48 -22.60
CA SER A 68 -9.37 21.30 -21.83
C SER A 68 -9.09 20.98 -20.36
N VAL A 69 -9.92 21.52 -19.47
CA VAL A 69 -9.82 21.32 -18.02
C VAL A 69 -11.18 20.83 -17.48
N ILE A 70 -11.19 19.64 -16.87
CA ILE A 70 -12.33 19.18 -16.09
C ILE A 70 -11.96 19.34 -14.63
N GLU A 71 -12.77 20.08 -13.87
CA GLU A 71 -12.50 20.21 -12.44
C GLU A 71 -13.22 19.06 -11.70
N GLY A 72 -12.44 18.26 -10.96
CA GLY A 72 -12.94 17.05 -10.35
C GLY A 72 -11.84 16.13 -9.87
N SER A 73 -12.24 15.02 -9.26
CA SER A 73 -11.29 14.10 -8.59
C SER A 73 -11.09 12.77 -9.33
N VAL A 74 -9.85 12.26 -9.35
CA VAL A 74 -9.53 10.89 -9.77
C VAL A 74 -10.27 9.83 -8.92
N THR A 75 -10.70 10.23 -7.71
CA THR A 75 -11.53 9.37 -6.85
C THR A 75 -12.96 9.15 -7.43
N ASP A 76 -13.33 9.99 -8.40
CA ASP A 76 -14.69 9.96 -8.98
C ASP A 76 -14.67 9.12 -10.24
N ALA A 77 -15.05 7.86 -10.07
CA ALA A 77 -14.97 6.86 -11.14
C ALA A 77 -15.95 7.15 -12.28
N GLY A 78 -17.08 7.79 -11.93
CA GLY A 78 -18.07 8.22 -12.93
C GLY A 78 -17.55 9.31 -13.85
N LEU A 79 -17.11 10.42 -13.25
CA LEU A 79 -16.41 11.49 -13.96
C LEU A 79 -15.27 11.00 -14.87
N LEU A 80 -14.44 10.08 -14.36
CA LEU A 80 -13.30 9.60 -15.13
C LEU A 80 -13.77 8.83 -16.35
N GLU A 81 -14.82 8.03 -16.18
CA GLU A 81 -15.35 7.20 -17.26
C GLU A 81 -15.87 8.07 -18.40
N ARG A 82 -16.61 9.11 -18.04
CA ARG A 82 -17.11 10.15 -18.97
C ARG A 82 -15.99 10.97 -19.65
N ALA A 83 -14.89 11.25 -18.94
CA ALA A 83 -13.76 11.94 -19.58
C ALA A 83 -13.08 11.06 -20.63
N PHE A 84 -12.76 9.82 -20.26
CA PHE A 84 -12.10 8.89 -21.18
C PHE A 84 -12.94 8.53 -22.41
N ASP A 85 -14.25 8.60 -22.24
CA ASP A 85 -15.20 8.25 -23.28
C ASP A 85 -15.30 9.34 -24.32
N SER A 86 -15.58 10.56 -23.87
CA SER A 86 -15.60 11.74 -24.73
C SER A 86 -14.22 12.12 -25.33
N PHE A 87 -13.18 12.28 -24.50
CA PHE A 87 -11.88 12.78 -24.98
C PHE A 87 -11.11 11.72 -25.76
N LYS A 88 -11.36 10.46 -25.47
CA LYS A 88 -10.59 9.35 -26.07
C LYS A 88 -9.07 9.62 -26.07
N PRO A 89 -8.44 9.58 -24.89
CA PRO A 89 -6.98 9.84 -24.93
C PRO A 89 -6.22 8.71 -25.57
N THR A 90 -5.12 9.06 -26.23
CA THR A 90 -4.19 8.05 -26.73
C THR A 90 -3.09 7.76 -25.67
N HIS A 91 -2.87 8.73 -24.79
CA HIS A 91 -1.83 8.67 -23.75
C HIS A 91 -2.36 9.26 -22.44
N VAL A 92 -1.85 8.74 -21.32
CA VAL A 92 -2.27 9.19 -19.99
C VAL A 92 -1.02 9.54 -19.17
N VAL A 93 -1.05 10.73 -18.54
CA VAL A 93 -0.04 11.08 -17.56
C VAL A 93 -0.77 11.22 -16.24
N HIS A 94 -0.45 10.32 -15.31
CA HIS A 94 -1.09 10.30 -14.00
C HIS A 94 -0.22 11.06 -12.99
N SER A 95 -0.59 12.32 -12.75
CA SER A 95 0.23 13.21 -11.94
C SER A 95 -0.50 13.75 -10.69
N ALA A 96 -1.74 13.31 -10.48
CA ALA A 96 -2.57 13.68 -9.33
C ALA A 96 -2.07 12.90 -8.12
N ALA A 97 -1.82 13.61 -6.99
CA ALA A 97 -1.45 13.03 -5.73
C ALA A 97 -1.92 13.92 -4.58
N ALA A 98 -2.35 13.28 -3.49
CA ALA A 98 -2.67 13.96 -2.24
C ALA A 98 -1.56 13.72 -1.21
N TYR A 99 -1.22 14.74 -0.45
CA TYR A 99 -0.05 14.66 0.44
C TYR A 99 -0.04 15.74 1.52
N LYS A 100 -0.85 16.79 1.35
CA LYS A 100 -0.64 18.04 2.12
C LYS A 100 -0.89 17.92 3.64
N ASP A 101 -1.78 17.01 4.02
CA ASP A 101 -2.08 16.75 5.44
C ASP A 101 -1.66 15.32 5.79
N PRO A 102 -0.51 15.18 6.45
CA PRO A 102 0.01 13.83 6.74
C PRO A 102 -0.81 12.97 7.71
N ASP A 103 -1.76 13.58 8.41
CA ASP A 103 -2.72 12.88 9.26
C ASP A 103 -3.97 12.50 8.50
N ASP A 104 -4.16 13.04 7.30
CA ASP A 104 -5.38 12.73 6.56
C ASP A 104 -5.17 11.52 5.67
N TRP A 105 -5.03 10.37 6.33
CA TRP A 105 -4.81 9.09 5.69
C TRP A 105 -5.90 8.73 4.72
N ALA A 106 -7.15 9.10 5.04
CA ALA A 106 -8.30 8.75 4.19
C ALA A 106 -8.20 9.42 2.81
N GLU A 107 -7.77 10.68 2.80
CA GLU A 107 -7.60 11.43 1.56
C GLU A 107 -6.40 10.89 0.78
N ASP A 108 -5.30 10.62 1.46
CA ASP A 108 -4.15 10.03 0.80
C ASP A 108 -4.52 8.69 0.14
N ALA A 109 -5.20 7.82 0.88
CA ALA A 109 -5.68 6.56 0.32
C ALA A 109 -6.68 6.73 -0.82
N ALA A 110 -7.64 7.65 -0.66
CA ALA A 110 -8.65 7.91 -1.73
C ALA A 110 -7.97 8.43 -3.01
N THR A 111 -7.21 9.50 -2.91
CA THR A 111 -6.58 10.04 -4.12
C THR A 111 -5.51 9.07 -4.68
N ASN A 112 -4.59 8.64 -3.84
CA ASN A 112 -3.40 7.88 -4.33
C ASN A 112 -3.58 6.41 -4.60
N VAL A 113 -4.51 5.75 -3.91
CA VAL A 113 -4.77 4.33 -4.17
C VAL A 113 -6.01 4.15 -5.06
N GLN A 114 -7.17 4.63 -4.60
CA GLN A 114 -8.39 4.54 -5.39
C GLN A 114 -8.30 5.31 -6.70
N GLY A 115 -7.72 6.52 -6.66
CA GLY A 115 -7.47 7.34 -7.84
C GLY A 115 -6.62 6.64 -8.89
N SER A 116 -5.49 6.04 -8.48
CA SER A 116 -4.66 5.22 -9.36
C SER A 116 -5.43 4.04 -9.93
N ILE A 117 -6.25 3.39 -9.11
CA ILE A 117 -7.03 2.26 -9.62
C ILE A 117 -8.05 2.73 -10.67
N ASN A 118 -8.77 3.82 -10.38
CA ASN A 118 -9.75 4.33 -11.34
C ASN A 118 -9.07 4.70 -12.66
N VAL A 119 -7.96 5.44 -12.57
CA VAL A 119 -7.16 5.77 -13.75
C VAL A 119 -6.68 4.54 -14.50
N ALA A 120 -6.23 3.49 -13.80
CA ALA A 120 -5.75 2.28 -14.51
C ALA A 120 -6.86 1.51 -15.29
N LYS A 121 -8.02 1.38 -14.64
CA LYS A 121 -9.16 0.65 -15.18
C LYS A 121 -9.70 1.39 -16.42
N ALA A 122 -9.91 2.70 -16.28
CA ALA A 122 -10.41 3.58 -17.35
C ALA A 122 -9.47 3.59 -18.58
N ALA A 123 -8.16 3.76 -18.33
CA ALA A 123 -7.15 3.66 -19.39
C ALA A 123 -7.14 2.30 -20.11
N SER A 124 -7.30 1.24 -19.32
CA SER A 124 -7.35 -0.10 -19.88
C SER A 124 -8.56 -0.25 -20.80
N LYS A 125 -9.69 0.29 -20.37
CA LYS A 125 -10.93 0.17 -21.11
C LYS A 125 -10.84 1.00 -22.40
N ALA A 126 -10.26 2.20 -22.31
CA ALA A 126 -10.15 3.09 -23.42
C ALA A 126 -8.99 2.72 -24.36
N GLY A 127 -8.28 1.64 -24.07
CA GLY A 127 -7.17 1.16 -24.90
C GLY A 127 -5.99 2.10 -25.13
N VAL A 128 -5.65 2.94 -24.13
CA VAL A 128 -4.54 3.90 -24.28
C VAL A 128 -3.22 3.19 -24.63
N LYS A 129 -2.35 3.86 -25.40
CA LYS A 129 -1.09 3.26 -25.83
C LYS A 129 -0.07 3.13 -24.70
N ARG A 130 0.00 4.16 -23.84
CA ARG A 130 1.04 4.27 -22.79
C ARG A 130 0.48 5.08 -21.62
N LEU A 131 0.76 4.65 -20.39
CA LEU A 131 0.37 5.41 -19.19
C LEU A 131 1.64 5.77 -18.43
N LEU A 132 1.79 7.05 -18.06
CA LEU A 132 2.94 7.52 -17.32
C LEU A 132 2.57 7.94 -15.92
N ASN A 133 3.22 7.31 -14.95
CA ASN A 133 3.04 7.61 -13.52
C ASN A 133 4.31 8.23 -12.91
N PHE A 134 4.13 9.13 -11.93
CA PHE A 134 5.26 9.64 -11.13
C PHE A 134 5.20 9.13 -9.70
N GLN A 135 6.32 8.64 -9.20
CA GLN A 135 6.40 8.02 -7.90
C GLN A 135 7.37 8.83 -6.99
N THR A 136 6.99 8.99 -5.73
CA THR A 136 7.86 9.62 -4.74
C THR A 136 8.90 8.61 -4.21
N ALA A 137 10.13 9.06 -3.99
CA ALA A 137 11.19 8.23 -3.39
C ALA A 137 10.90 7.82 -1.95
N LEU A 138 9.85 8.40 -1.37
CA LEU A 138 9.31 7.94 -0.08
C LEU A 138 8.82 6.50 -0.14
N CYS A 139 8.57 5.97 -1.34
CA CYS A 139 8.23 4.55 -1.52
C CYS A 139 9.36 3.66 -1.00
N TYR A 140 10.61 4.14 -1.06
CA TYR A 140 11.76 3.37 -0.57
C TYR A 140 11.93 3.36 0.96
N GLY A 141 11.22 4.23 1.68
CA GLY A 141 11.38 4.33 3.13
C GLY A 141 12.84 4.66 3.50
N ARG A 142 13.38 3.92 4.48
CA ARG A 142 14.78 4.00 4.87
CA ARG A 142 14.78 4.01 4.86
C ARG A 142 15.58 2.97 4.09
N PRO A 143 16.37 3.41 3.07
CA PRO A 143 17.02 2.45 2.23
C PRO A 143 18.24 1.83 2.89
N ALA A 144 18.57 0.63 2.41
CA ALA A 144 19.68 -0.12 2.97
C ALA A 144 20.92 0.22 2.17
N THR A 145 20.71 0.67 0.95
CA THR A 145 21.80 0.99 0.02
C THR A 145 21.51 2.33 -0.62
N VAL A 146 22.48 3.24 -0.55
CA VAL A 146 22.39 4.54 -1.28
C VAL A 146 23.67 4.73 -2.14
N PRO A 147 23.53 5.20 -3.41
CA PRO A 147 22.30 5.45 -4.21
C PRO A 147 21.39 4.18 -4.30
N ILE A 148 20.08 4.40 -4.28
CA ILE A 148 19.06 3.36 -4.16
C ILE A 148 18.89 2.63 -5.48
N PRO A 149 19.27 1.33 -5.51
CA PRO A 149 19.02 0.54 -6.72
C PRO A 149 17.52 0.40 -7.03
N ILE A 150 17.21 0.26 -8.31
CA ILE A 150 15.81 0.18 -8.76
C ILE A 150 15.09 -1.12 -8.28
N ASP A 151 15.87 -2.16 -7.96
CA ASP A 151 15.26 -3.36 -7.44
C ASP A 151 15.19 -3.40 -5.92
N SER A 152 15.46 -2.27 -5.26
CA SER A 152 15.28 -2.14 -3.81
C SER A 152 13.83 -2.29 -3.40
N PRO A 153 13.57 -2.79 -2.19
CA PRO A 153 12.21 -2.91 -1.73
C PRO A 153 11.50 -1.56 -1.53
N THR A 154 10.18 -1.58 -1.69
CA THR A 154 9.38 -0.48 -1.15
C THR A 154 9.17 -0.74 0.36
N ALA A 155 9.37 0.30 1.17
CA ALA A 155 9.22 0.20 2.62
C ALA A 155 8.74 1.52 3.20
N PRO A 156 7.61 2.06 2.70
CA PRO A 156 7.14 3.38 3.17
C PRO A 156 6.63 3.36 4.61
N PHE A 157 6.76 4.49 5.29
CA PHE A 157 6.28 4.50 6.65
C PHE A 157 5.48 5.75 6.92
N THR A 158 5.13 6.50 5.86
CA THR A 158 4.24 7.66 6.04
C THR A 158 3.00 7.50 5.18
N SER A 159 1.95 8.23 5.52
CA SER A 159 0.71 8.20 4.76
C SER A 159 0.90 8.36 3.26
N TYR A 160 1.67 9.37 2.89
CA TYR A 160 1.99 9.68 1.49
C TYR A 160 2.77 8.53 0.85
N GLY A 161 3.82 8.04 1.52
CA GLY A 161 4.66 6.96 0.94
C GLY A 161 3.85 5.66 0.82
N ILE A 162 3.05 5.34 1.83
CA ILE A 162 2.23 4.07 1.82
C ILE A 162 1.15 4.04 0.71
N SER A 163 0.34 5.10 0.63
CA SER A 163 -0.73 5.16 -0.36
C SER A 163 -0.15 5.22 -1.79
N LYS A 164 0.92 5.99 -1.99
CA LYS A 164 1.59 6.07 -3.31
C LYS A 164 2.22 4.75 -3.78
N THR A 165 2.80 4.01 -2.83
CA THR A 165 3.38 2.69 -3.05
C THR A 165 2.30 1.71 -3.57
N ALA A 166 1.14 1.73 -2.91
CA ALA A 166 -0.01 0.93 -3.30
C ALA A 166 -0.62 1.34 -4.64
N GLY A 167 -0.79 2.62 -4.83
CA GLY A 167 -1.15 3.17 -6.10
C GLY A 167 -0.33 2.70 -7.26
N GLU A 168 0.99 2.77 -7.14
CA GLU A 168 1.87 2.37 -8.20
C GLU A 168 1.76 0.91 -8.48
N ALA A 169 1.65 0.13 -7.44
CA ALA A 169 1.53 -1.32 -7.53
C ALA A 169 0.26 -1.80 -8.23
N PHE A 170 -0.85 -1.10 -7.99
CA PHE A 170 -2.06 -1.33 -8.75
C PHE A 170 -1.89 -0.98 -10.22
N LEU A 171 -1.29 0.19 -10.52
CA LEU A 171 -1.01 0.58 -11.92
C LEU A 171 -0.15 -0.45 -12.67
N MET A 172 0.79 -1.08 -11.98
CA MET A 172 1.65 -2.10 -12.56
C MET A 172 0.88 -3.39 -12.96
N MET A 173 -0.33 -3.56 -12.40
CA MET A 173 -1.17 -4.71 -12.75
C MET A 173 -2.02 -4.46 -14.01
N SER A 174 -1.87 -3.29 -14.59
CA SER A 174 -2.66 -2.93 -15.76
C SER A 174 -2.21 -3.71 -16.99
N ASP A 175 -3.12 -3.90 -17.94
CA ASP A 175 -2.77 -4.50 -19.23
C ASP A 175 -2.23 -3.45 -20.21
N VAL A 176 -2.41 -2.17 -19.86
CA VAL A 176 -1.84 -1.03 -20.60
C VAL A 176 -0.33 -0.97 -20.30
N PRO A 177 0.52 -0.63 -21.31
CA PRO A 177 1.94 -0.42 -20.98
C PRO A 177 2.14 0.76 -20.01
N VAL A 178 2.80 0.46 -18.89
CA VAL A 178 3.00 1.47 -17.85
C VAL A 178 4.49 1.76 -17.60
N VAL A 179 4.80 3.05 -17.56
CA VAL A 179 6.09 3.55 -17.02
C VAL A 179 5.79 4.31 -15.72
N SER A 180 6.43 3.89 -14.65
CA SER A 180 6.39 4.60 -13.38
C SER A 180 7.76 5.13 -12.98
N LEU A 181 7.89 6.46 -13.02
CA LEU A 181 9.15 7.12 -12.74
C LEU A 181 9.31 7.50 -11.27
N ARG A 182 10.28 6.89 -10.58
CA ARG A 182 10.66 7.32 -9.23
C ARG A 182 11.62 8.53 -9.36
N LEU A 183 11.21 9.67 -8.82
CA LEU A 183 11.84 10.92 -9.21
C LEU A 183 12.75 11.49 -8.11
N ALA A 184 13.90 12.01 -8.54
CA ALA A 184 14.71 12.94 -7.73
C ALA A 184 13.88 14.23 -7.53
N ASN A 185 14.39 15.21 -6.79
CA ASN A 185 13.61 16.43 -6.51
C ASN A 185 13.68 17.30 -7.74
N VAL A 186 12.55 17.49 -8.41
CA VAL A 186 12.57 18.19 -9.68
C VAL A 186 12.44 19.70 -9.46
N THR A 187 13.31 20.45 -10.12
CA THR A 187 13.33 21.92 -10.07
C THR A 187 12.85 22.48 -11.39
N GLY A 188 12.25 23.68 -11.36
CA GLY A 188 11.82 24.32 -12.59
C GLY A 188 10.79 25.39 -12.31
N PRO A 189 10.20 25.94 -13.39
CA PRO A 189 9.11 26.91 -13.25
C PRO A 189 8.04 26.50 -12.23
N ARG A 190 7.76 27.42 -11.31
CA ARG A 190 6.66 27.30 -10.31
C ARG A 190 6.90 26.35 -9.09
N LEU A 191 8.14 25.92 -8.91
CA LEU A 191 8.52 25.20 -7.68
C LEU A 191 8.51 26.23 -6.55
N ALA A 192 7.63 26.05 -5.60
CA ALA A 192 7.50 27.08 -4.59
C ALA A 192 7.60 26.49 -3.19
N ILE A 193 7.99 25.23 -3.11
CA ILE A 193 8.27 24.58 -1.82
C ILE A 193 9.70 23.97 -1.76
N GLY A 194 10.15 23.62 -0.56
CA GLY A 194 11.45 22.99 -0.36
C GLY A 194 12.51 24.00 0.04
N PRO A 195 13.75 23.52 0.22
CA PRO A 195 14.91 24.30 0.65
C PRO A 195 15.35 25.43 -0.30
N ILE A 196 15.16 25.22 -1.60
CA ILE A 196 15.64 26.22 -2.53
C ILE A 196 14.86 27.53 -2.42
N PRO A 197 13.53 27.50 -2.61
CA PRO A 197 12.87 28.80 -2.41
C PRO A 197 12.94 29.36 -0.95
N THR A 198 13.00 28.46 0.04
CA THR A 198 13.07 28.81 1.46
C THR A 198 14.36 29.57 1.76
N PHE A 199 15.50 29.04 1.33
CA PHE A 199 16.76 29.75 1.49
C PHE A 199 16.84 31.06 0.69
N TYR A 200 16.28 31.07 -0.53
CA TYR A 200 16.24 32.27 -1.35
C TYR A 200 15.48 33.40 -0.64
N LYS A 201 14.26 33.12 -0.22
CA LYS A 201 13.38 34.10 0.46
C LYS A 201 13.94 34.56 1.82
N ARG A 202 14.37 33.61 2.65
CA ARG A 202 14.88 33.90 3.98
C ARG A 202 16.19 34.67 3.91
N LEU A 203 17.09 34.30 3.00
CA LEU A 203 18.35 35.02 2.84
C LEU A 203 18.19 36.46 2.40
N LYS A 204 17.27 36.68 1.46
CA LYS A 204 16.95 38.02 0.98
C LYS A 204 16.28 38.89 2.07
N ALA A 205 15.57 38.25 3.01
CA ALA A 205 14.89 38.97 4.08
C ALA A 205 15.73 39.11 5.35
N GLY A 206 16.94 38.56 5.33
CA GLY A 206 17.79 38.55 6.51
C GLY A 206 17.30 37.65 7.63
N GLN A 207 16.57 36.59 7.30
CA GLN A 207 16.12 35.65 8.34
C GLN A 207 17.13 34.50 8.46
N LYS A 208 17.28 33.99 9.70
CA LYS A 208 18.20 32.88 10.02
C LYS A 208 17.73 31.64 9.30
N CYS A 209 18.68 30.96 8.66
CA CYS A 209 18.50 29.64 8.05
C CYS A 209 19.31 28.56 8.80
N PHE A 210 18.78 27.34 8.77
CA PHE A 210 19.46 26.14 9.23
C PHE A 210 19.26 25.01 8.18
N CYS A 211 20.27 24.17 8.03
CA CYS A 211 20.23 23.08 7.06
C CYS A 211 20.12 21.79 7.84
N SER A 212 19.15 20.93 7.53
CA SER A 212 19.20 19.60 8.14
C SER A 212 20.41 18.84 7.57
N ASP A 213 20.93 17.88 8.34
CA ASP A 213 22.08 17.13 7.89
C ASP A 213 21.56 15.96 7.04
N THR A 214 21.04 16.28 5.86
CA THR A 214 20.50 15.25 4.96
C THR A 214 21.07 15.41 3.55
N VAL A 215 21.01 14.32 2.78
CA VAL A 215 21.54 14.30 1.42
C VAL A 215 20.41 13.88 0.49
N ARG A 216 20.36 14.54 -0.67
CA ARG A 216 19.23 14.47 -1.57
C ARG A 216 19.72 14.64 -3.00
N ASP A 217 18.86 14.29 -3.95
CA ASP A 217 19.14 14.56 -5.37
C ASP A 217 18.15 15.50 -6.04
N PHE A 218 18.66 16.20 -7.07
CA PHE A 218 17.95 17.28 -7.69
C PHE A 218 18.09 17.13 -9.18
N LEU A 219 17.00 17.40 -9.88
CA LEU A 219 16.89 17.17 -11.32
C LEU A 219 16.30 18.41 -11.98
N ASP A 220 17.01 18.96 -12.96
CA ASP A 220 16.47 20.08 -13.74
C ASP A 220 15.26 19.63 -14.58
N MET A 221 14.26 20.51 -14.66
CA MET A 221 13.07 20.35 -15.48
C MET A 221 13.39 19.84 -16.91
N SER A 222 14.44 20.39 -17.53
CA SER A 222 14.80 19.97 -18.88
C SER A 222 15.09 18.46 -18.95
N ASP A 223 15.76 17.92 -17.94
CA ASP A 223 16.03 16.49 -17.92
C ASP A 223 14.76 15.66 -17.68
N PHE A 224 13.85 16.23 -16.88
CA PHE A 224 12.58 15.62 -16.61
C PHE A 224 11.69 15.55 -17.85
N LEU A 225 11.59 16.65 -18.58
CA LEU A 225 10.83 16.66 -19.85
C LEU A 225 11.34 15.59 -20.84
N ALA A 226 12.66 15.41 -20.91
CA ALA A 226 13.28 14.45 -21.82
C ALA A 226 12.82 13.01 -21.59
N ILE A 227 12.85 12.54 -20.34
CA ILE A 227 12.45 11.19 -20.03
C ILE A 227 10.92 11.01 -20.10
N ALA A 228 10.14 12.02 -19.68
CA ALA A 228 8.71 11.96 -19.84
C ALA A 228 8.36 11.73 -21.32
N ASP A 229 8.92 12.54 -22.23
CA ASP A 229 8.82 12.30 -23.67
C ASP A 229 9.15 10.88 -24.07
N LEU A 230 10.30 10.36 -23.64
CA LEU A 230 10.67 9.01 -24.02
C LEU A 230 9.67 7.98 -23.52
N SER A 231 9.14 8.22 -22.31
CA SER A 231 8.21 7.30 -21.65
C SER A 231 6.88 7.14 -22.38
N LEU A 232 6.44 8.20 -23.06
CA LEU A 232 5.18 8.16 -23.81
C LEU A 232 5.32 7.60 -25.24
N GLN A 233 6.49 7.07 -25.61
CA GLN A 233 6.62 6.64 -26.98
C GLN A 233 6.52 5.13 -27.17
N GLU A 234 5.75 4.76 -28.19
CA GLU A 234 5.43 3.33 -28.44
C GLU A 234 6.71 2.55 -28.64
N GLY A 235 6.74 1.36 -28.07
CA GLY A 235 7.88 0.46 -28.19
C GLY A 235 8.95 0.64 -27.11
N ARG A 236 8.83 1.72 -26.33
CA ARG A 236 9.77 1.99 -25.24
C ARG A 236 9.54 1.04 -24.05
N PRO A 237 10.56 0.89 -23.19
CA PRO A 237 10.50 -0.01 -22.03
C PRO A 237 9.38 0.38 -21.07
N THR A 238 9.01 -0.56 -20.21
CA THR A 238 7.91 -0.34 -19.29
C THR A 238 8.40 -0.81 -17.95
N GLY A 239 7.67 -0.45 -16.91
CA GLY A 239 7.97 -0.85 -15.54
C GLY A 239 8.40 0.34 -14.71
N VAL A 240 9.16 0.08 -13.64
CA VAL A 240 9.63 1.15 -12.73
C VAL A 240 11.06 1.57 -13.05
N PHE A 241 11.31 2.88 -12.94
CA PHE A 241 12.62 3.48 -13.25
C PHE A 241 12.93 4.64 -12.31
N ASN A 242 14.21 4.70 -11.89
CA ASN A 242 14.77 5.85 -11.16
C ASN A 242 15.23 6.94 -12.11
N VAL A 243 14.78 8.16 -11.84
CA VAL A 243 15.12 9.33 -12.65
C VAL A 243 15.93 10.30 -11.78
N SER A 244 17.19 10.48 -12.14
CA SER A 244 18.18 11.18 -11.32
C SER A 244 19.50 11.35 -12.10
N THR A 245 20.33 12.30 -11.66
CA THR A 245 21.73 12.34 -12.07
C THR A 245 22.50 11.21 -11.42
N GLY A 246 21.97 10.70 -10.31
CA GLY A 246 22.64 9.66 -9.53
C GLY A 246 23.63 10.17 -8.50
N GLU A 247 23.71 11.50 -8.37
CA GLU A 247 24.61 12.15 -7.39
C GLU A 247 23.80 12.83 -6.31
N GLY A 248 24.31 12.78 -5.09
CA GLY A 248 23.63 13.35 -3.95
C GLY A 248 24.35 14.57 -3.41
N HIS A 249 23.56 15.53 -2.95
CA HIS A 249 24.06 16.76 -2.34
C HIS A 249 23.33 17.03 -1.04
N SER A 250 24.09 17.39 -0.02
CA SER A 250 23.54 17.81 1.24
C SER A 250 22.73 19.10 1.10
N ILE A 251 21.85 19.35 2.05
CA ILE A 251 21.08 20.60 2.10
C ILE A 251 22.03 21.82 2.32
N LYS A 252 23.16 21.59 3.01
CA LYS A 252 24.19 22.64 3.21
C LYS A 252 24.75 23.08 1.87
N GLU A 253 24.98 22.11 0.96
CA GLU A 253 25.49 22.40 -0.37
C GLU A 253 24.50 23.22 -1.18
N VAL A 254 23.23 22.87 -1.09
CA VAL A 254 22.17 23.68 -1.69
C VAL A 254 22.21 25.10 -1.12
N PHE A 255 22.15 25.19 0.22
CA PHE A 255 22.30 26.46 0.92
C PHE A 255 23.45 27.30 0.38
N ASP A 256 24.64 26.70 0.31
CA ASP A 256 25.84 27.39 -0.19
C ASP A 256 25.69 27.99 -1.57
N VAL A 257 25.01 27.26 -2.47
CA VAL A 257 24.73 27.77 -3.81
C VAL A 257 23.79 28.96 -3.70
N VAL A 258 22.77 28.86 -2.87
CA VAL A 258 21.83 29.97 -2.76
C VAL A 258 22.49 31.26 -2.17
N LEU A 259 23.28 31.11 -1.10
CA LEU A 259 24.01 32.23 -0.46
C LEU A 259 24.85 33.06 -1.44
N ASP A 260 25.76 32.37 -2.13
CA ASP A 260 26.60 32.91 -3.20
C ASP A 260 25.80 33.61 -4.30
N TYR A 261 24.76 32.94 -4.78
CA TYR A 261 23.91 33.52 -5.80
C TYR A 261 23.22 34.80 -5.32
N VAL A 262 22.63 34.75 -4.13
CA VAL A 262 21.93 35.90 -3.57
C VAL A 262 22.90 37.03 -3.16
N GLY A 263 24.16 36.65 -2.90
CA GLY A 263 25.20 37.59 -2.49
C GLY A 263 25.14 38.07 -1.05
N ALA A 264 24.36 37.40 -0.21
CA ALA A 264 24.21 37.81 1.18
C ALA A 264 25.47 37.58 2.05
N THR A 265 25.52 38.30 3.17
CA THR A 265 26.55 38.13 4.18
C THR A 265 25.89 37.73 5.48
N LEU A 266 26.41 36.67 6.08
CA LEU A 266 25.78 36.05 7.24
C LEU A 266 26.29 36.60 8.57
N ALA A 267 25.35 36.86 9.48
CA ALA A 267 25.64 37.33 10.83
C ALA A 267 26.13 36.21 11.78
N GLU A 268 26.05 34.96 11.32
CA GLU A 268 26.54 33.76 12.04
C GLU A 268 26.55 32.59 11.04
N PRO A 269 27.54 31.66 11.16
CA PRO A 269 27.53 30.50 10.25
C PRO A 269 26.22 29.72 10.34
N VAL A 270 25.73 29.25 9.19
CA VAL A 270 24.55 28.42 9.18
C VAL A 270 24.79 27.16 10.05
N PRO A 271 23.87 26.91 11.01
CA PRO A 271 23.96 25.65 11.74
C PRO A 271 23.50 24.47 10.87
N VAL A 272 24.22 23.37 10.97
CA VAL A 272 23.79 22.10 10.38
C VAL A 272 23.26 21.23 11.53
N VAL A 273 21.99 20.84 11.41
CA VAL A 273 21.28 20.20 12.50
C VAL A 273 20.95 18.73 12.17
N ALA A 274 20.97 17.86 13.19
CA ALA A 274 20.55 16.46 13.09
C ALA A 274 19.15 16.34 12.47
N PRO A 275 18.95 15.39 11.53
CA PRO A 275 17.64 15.25 10.88
C PRO A 275 16.51 14.84 11.83
N GLY A 276 15.28 15.24 11.48
CA GLY A 276 14.07 14.84 12.21
C GLY A 276 13.85 13.35 12.37
N ALA A 277 12.85 13.00 13.19
CA ALA A 277 12.53 11.61 13.53
C ALA A 277 12.25 10.77 12.27
N ASP A 278 11.34 11.27 11.45
CA ASP A 278 10.90 10.63 10.21
C ASP A 278 11.75 11.00 8.98
N ASP A 279 12.86 11.73 9.19
CA ASP A 279 13.70 12.24 8.10
C ASP A 279 14.78 11.27 7.66
N VAL A 280 14.63 10.73 6.45
CA VAL A 280 15.62 9.78 5.94
C VAL A 280 16.93 10.53 5.64
N PRO A 281 18.05 10.07 6.23
CA PRO A 281 19.37 10.71 6.13
C PRO A 281 19.86 10.96 4.70
N SER A 282 19.79 9.95 3.83
CA SER A 282 20.30 10.06 2.47
C SER A 282 19.36 9.32 1.50
N VAL A 283 18.79 10.08 0.56
CA VAL A 283 17.89 9.58 -0.49
C VAL A 283 18.40 10.09 -1.80
N VAL A 284 19.16 9.24 -2.47
CA VAL A 284 19.71 9.47 -3.79
C VAL A 284 19.37 8.20 -4.62
N LEU A 285 18.83 8.36 -5.81
CA LEU A 285 18.43 7.25 -6.66
C LEU A 285 19.50 6.89 -7.68
N ASP A 286 19.67 5.59 -7.92
CA ASP A 286 20.57 5.10 -8.96
C ASP A 286 19.80 4.94 -10.27
N PRO A 287 20.15 5.77 -11.28
CA PRO A 287 19.41 5.81 -12.54
C PRO A 287 19.96 4.85 -13.62
N SER A 288 20.90 3.97 -13.28
CA SER A 288 21.60 3.17 -14.30
C SER A 288 20.69 2.35 -15.21
N LYS A 289 19.67 1.71 -14.66
CA LYS A 289 18.76 0.93 -15.51
C LYS A 289 18.00 1.82 -16.48
N THR A 290 17.75 3.06 -16.08
CA THR A 290 17.04 4.00 -16.93
C THR A 290 17.96 4.41 -18.07
N GLU A 291 19.23 4.59 -17.74
CA GLU A 291 20.24 4.93 -18.75
C GLU A 291 20.39 3.74 -19.72
N THR A 292 20.44 2.52 -19.20
CA THR A 292 20.60 1.31 -20.02
C THR A 292 19.42 1.09 -20.98
N GLU A 293 18.20 1.20 -20.46
CA GLU A 293 17.01 0.85 -21.26
C GLU A 293 16.46 2.00 -22.09
N PHE A 294 16.65 3.22 -21.65
CA PHE A 294 16.12 4.37 -22.35
C PHE A 294 17.17 5.08 -23.18
N GLY A 295 18.41 4.85 -22.87
CA GLY A 295 19.45 5.75 -23.26
C GLY A 295 19.37 7.20 -22.83
N TRP A 296 18.70 7.47 -21.73
CA TRP A 296 18.54 8.83 -21.29
C TRP A 296 19.63 9.08 -20.31
N LYS A 297 20.16 10.28 -20.25
CA LYS A 297 21.02 10.63 -19.13
C LYS A 297 20.75 12.09 -18.80
N ALA A 298 20.67 12.40 -17.51
CA ALA A 298 20.45 13.77 -17.07
C ALA A 298 21.67 14.59 -17.49
N LYS A 299 21.44 15.71 -18.16
CA LYS A 299 22.51 16.59 -18.65
C LYS A 299 22.90 17.73 -17.70
N VAL A 300 21.95 18.25 -16.91
CA VAL A 300 22.20 19.46 -16.12
C VAL A 300 22.77 19.09 -14.75
N ASP A 301 23.96 19.59 -14.44
CA ASP A 301 24.61 19.25 -13.16
C ASP A 301 23.98 19.99 -11.97
N PHE A 302 24.43 19.68 -10.77
CA PHE A 302 23.85 20.23 -9.54
C PHE A 302 23.84 21.77 -9.48
N LYS A 303 25.01 22.40 -9.70
CA LYS A 303 25.11 23.87 -9.63
C LYS A 303 24.18 24.53 -10.62
N ASP A 304 24.20 24.07 -11.87
CA ASP A 304 23.32 24.62 -12.90
C ASP A 304 21.84 24.38 -12.61
N THR A 305 21.51 23.27 -11.96
CA THR A 305 20.13 22.95 -11.61
C THR A 305 19.63 23.94 -10.54
N ILE A 306 20.44 24.13 -9.51
CA ILE A 306 20.05 25.06 -8.45
C ILE A 306 20.02 26.48 -8.98
N THR A 307 21.05 26.85 -9.73
CA THR A 307 21.16 28.20 -10.31
C THR A 307 19.99 28.52 -11.25
N GLY A 308 19.63 27.58 -12.13
CA GLY A 308 18.46 27.76 -13.00
C GLY A 308 17.16 27.99 -12.22
N GLN A 309 16.99 27.33 -11.08
CA GLN A 309 15.83 27.61 -10.21
C GLN A 309 15.82 29.05 -9.65
N LEU A 310 16.97 29.48 -9.14
CA LEU A 310 17.16 30.82 -8.54
C LEU A 310 17.01 31.90 -9.61
N ALA A 311 17.49 31.61 -10.83
CA ALA A 311 17.34 32.54 -11.95
C ALA A 311 15.88 32.77 -12.32
N TRP A 312 15.07 31.70 -12.32
CA TRP A 312 13.60 31.78 -12.50
C TRP A 312 12.93 32.65 -11.42
N TYR A 313 13.34 32.47 -10.16
CA TYR A 313 12.82 33.29 -9.07
C TYR A 313 13.22 34.75 -9.23
N ASP A 314 14.45 35.00 -9.65
CA ASP A 314 14.85 36.39 -9.98
C ASP A 314 13.93 37.06 -10.97
N LYS A 315 13.43 36.31 -11.95
CA LYS A 315 12.59 36.87 -12.99
C LYS A 315 11.15 37.02 -12.56
N TYR A 316 10.62 36.01 -11.86
CA TYR A 316 9.19 35.92 -11.62
C TYR A 316 8.80 35.96 -10.14
N GLY A 317 9.80 35.90 -9.26
CA GLY A 317 9.56 35.74 -7.83
C GLY A 317 9.31 34.27 -7.47
N VAL A 318 9.24 33.98 -6.17
CA VAL A 318 8.81 32.64 -5.73
C VAL A 318 7.30 32.55 -5.82
N THR A 319 6.81 32.09 -6.97
CA THR A 319 5.40 32.08 -7.27
C THR A 319 5.04 30.75 -7.95
N ASP A 320 3.84 30.26 -7.71
CA ASP A 320 3.39 29.07 -8.40
C ASP A 320 2.21 29.39 -9.31
N ILE A 321 2.02 30.68 -9.60
CA ILE A 321 0.93 31.10 -10.50
C ILE A 321 1.39 31.76 -11.82
N PHE A 322 2.69 31.89 -12.05
CA PHE A 322 3.15 32.46 -13.31
C PHE A 322 3.09 31.46 -14.47
N SER A 323 2.28 31.77 -15.47
CA SER A 323 2.12 30.92 -16.64
C SER A 323 3.05 31.40 -17.77
N HIS A 324 3.74 30.44 -18.42
CA HIS A 324 4.49 30.68 -19.66
C HIS A 324 3.64 30.43 -20.94
N LEU A 325 2.34 30.18 -20.79
CA LEU A 325 1.42 30.04 -21.94
C LEU A 325 0.84 31.41 -22.29
N SER A 326 0.67 31.69 -23.59
CA SER A 326 0.18 33.01 -24.00
C SER A 326 -1.34 33.04 -24.11
N ALA A 327 -1.99 33.67 -23.14
CA ALA A 327 -3.44 33.76 -23.08
C ALA A 327 -4.02 34.79 -24.07
N PRO A 328 -5.12 34.45 -24.78
CA PRO A 328 -5.89 35.48 -25.51
C PRO A 328 -6.62 36.46 -24.57
N LEU B 14 -17.88 -7.29 34.23
CA LEU B 14 -17.98 -8.39 35.24
C LEU B 14 -16.88 -9.45 35.06
N VAL B 15 -17.12 -10.46 34.22
CA VAL B 15 -16.16 -11.58 34.11
C VAL B 15 -15.57 -11.77 32.69
N PRO B 16 -14.34 -12.34 32.59
CA PRO B 16 -13.41 -12.76 33.66
C PRO B 16 -12.94 -11.62 34.57
N ARG B 17 -12.91 -11.86 35.88
CA ARG B 17 -12.67 -10.80 36.85
C ARG B 17 -11.33 -10.11 36.62
N GLY B 18 -11.39 -8.79 36.50
CA GLY B 18 -10.21 -7.96 36.25
C GLY B 18 -9.69 -7.91 34.81
N SER B 19 -10.26 -8.73 33.93
CA SER B 19 -9.88 -8.72 32.50
C SER B 19 -11.03 -9.07 31.54
N HIS B 20 -12.23 -8.63 31.88
CA HIS B 20 -13.36 -8.61 30.96
C HIS B 20 -13.00 -7.68 29.79
N MET B 21 -13.23 -8.15 28.59
CA MET B 21 -13.02 -7.33 27.39
C MET B 21 -14.35 -7.02 26.77
N ARG B 22 -14.49 -5.80 26.25
CA ARG B 22 -15.54 -5.46 25.28
C ARG B 22 -14.87 -5.47 23.89
N ILE B 23 -15.14 -6.50 23.10
CA ILE B 23 -14.35 -6.72 21.88
C ILE B 23 -15.15 -6.34 20.66
N LEU B 24 -14.68 -5.34 19.92
CA LEU B 24 -15.25 -5.07 18.60
C LEU B 24 -14.48 -5.87 17.53
N ILE B 25 -15.17 -6.77 16.85
CA ILE B 25 -14.55 -7.61 15.83
C ILE B 25 -15.10 -7.35 14.41
N THR B 26 -14.32 -6.68 13.56
CA THR B 26 -14.74 -6.49 12.16
C THR B 26 -14.51 -7.82 11.48
N GLY B 27 -15.38 -8.21 10.55
CA GLY B 27 -15.24 -9.47 9.86
C GLY B 27 -15.47 -10.67 10.77
N GLY B 28 -16.25 -10.48 11.83
CA GLY B 28 -16.53 -11.54 12.83
C GLY B 28 -17.37 -12.73 12.37
N ALA B 29 -17.97 -12.60 11.19
CA ALA B 29 -18.75 -13.69 10.62
C ALA B 29 -17.88 -14.60 9.77
N GLY B 30 -16.60 -14.26 9.59
CA GLY B 30 -15.68 -15.14 8.84
C GLY B 30 -15.13 -16.33 9.61
N CYS B 31 -14.18 -17.06 9.00
CA CYS B 31 -13.60 -18.24 9.63
C CYS B 31 -12.86 -17.88 10.96
N LEU B 32 -11.89 -16.98 10.88
CA LEU B 32 -11.11 -16.59 12.05
C LEU B 32 -11.97 -15.89 13.08
N GLY B 33 -12.77 -14.92 12.64
CA GLY B 33 -13.64 -14.20 13.54
C GLY B 33 -14.56 -15.10 14.36
N SER B 34 -15.24 -16.03 13.68
CA SER B 34 -16.24 -16.86 14.33
C SER B 34 -15.58 -17.85 15.28
N ASN B 35 -14.43 -18.39 14.89
CA ASN B 35 -13.61 -19.21 15.78
C ASN B 35 -13.14 -18.47 17.02
N LEU B 36 -12.84 -17.17 16.92
CA LEU B 36 -12.47 -16.38 18.08
C LEU B 36 -13.65 -16.10 19.00
N ILE B 37 -14.80 -15.83 18.39
CA ILE B 37 -16.03 -15.63 19.13
C ILE B 37 -16.41 -16.89 19.95
N GLU B 38 -16.28 -18.05 19.31
CA GLU B 38 -16.55 -19.34 19.97
C GLU B 38 -15.60 -19.58 21.15
N HIS B 39 -14.45 -18.92 21.10
CA HIS B 39 -13.39 -19.08 22.09
C HIS B 39 -13.59 -18.10 23.24
N TRP B 40 -13.98 -16.87 22.91
CA TRP B 40 -14.09 -15.80 23.91
C TRP B 40 -15.45 -15.65 24.59
N LEU B 41 -16.52 -15.95 23.85
CA LEU B 41 -17.85 -15.71 24.34
C LEU B 41 -18.16 -16.60 25.59
N PRO B 42 -17.75 -17.89 25.56
CA PRO B 42 -18.01 -18.71 26.76
C PRO B 42 -17.25 -18.21 27.99
N GLN B 43 -16.23 -17.37 27.79
CA GLN B 43 -15.48 -16.81 28.93
C GLN B 43 -16.15 -15.61 29.58
N GLY B 44 -17.21 -15.12 28.97
CA GLY B 44 -17.94 -13.99 29.52
C GLY B 44 -17.68 -12.66 28.84
N HIS B 45 -16.80 -12.61 27.83
CA HIS B 45 -16.50 -11.32 27.16
C HIS B 45 -17.70 -10.86 26.38
N GLU B 46 -17.85 -9.55 26.28
CA GLU B 46 -18.88 -8.95 25.46
C GLU B 46 -18.35 -8.71 24.03
N ILE B 47 -19.07 -9.17 23.03
CA ILE B 47 -18.61 -9.05 21.65
C ILE B 47 -19.58 -8.29 20.73
N LEU B 48 -19.04 -7.35 19.93
CA LEU B 48 -19.78 -6.76 18.81
C LEU B 48 -19.11 -7.04 17.46
N VAL B 49 -19.84 -7.67 16.54
CA VAL B 49 -19.35 -7.96 15.19
C VAL B 49 -19.87 -6.94 14.18
N ILE B 50 -19.00 -6.57 13.24
CA ILE B 50 -19.41 -5.79 12.06
C ILE B 50 -18.99 -6.58 10.84
N ASP B 51 -19.97 -6.93 10.01
CA ASP B 51 -19.73 -7.74 8.84
C ASP B 51 -20.73 -7.39 7.76
N ASN B 52 -20.28 -7.51 6.51
CA ASN B 52 -21.10 -7.18 5.34
C ASN B 52 -21.51 -8.46 4.66
N PHE B 53 -21.11 -9.59 5.24
CA PHE B 53 -21.46 -10.91 4.73
C PHE B 53 -21.04 -11.14 3.27
N ALA B 54 -19.99 -10.45 2.85
CA ALA B 54 -19.38 -10.72 1.52
C ALA B 54 -18.91 -12.13 1.42
N THR B 55 -18.27 -12.63 2.48
CA THR B 55 -17.85 -14.05 2.48
C THR B 55 -18.25 -14.79 3.74
N GLY B 56 -18.53 -14.04 4.80
CA GLY B 56 -18.92 -14.62 6.08
C GLY B 56 -20.37 -15.08 6.09
N LYS B 57 -20.76 -15.80 7.13
CA LYS B 57 -22.06 -16.44 7.19
C LYS B 57 -22.87 -15.99 8.40
N ARG B 58 -24.15 -15.68 8.16
CA ARG B 58 -25.05 -15.23 9.22
C ARG B 58 -25.25 -16.34 10.23
N GLU B 59 -25.26 -17.59 9.73
CA GLU B 59 -25.54 -18.80 10.52
C GLU B 59 -24.53 -19.04 11.64
N VAL B 60 -23.33 -18.47 11.52
CA VAL B 60 -22.32 -18.65 12.58
C VAL B 60 -22.47 -17.61 13.67
N LEU B 61 -23.46 -16.73 13.53
CA LEU B 61 -23.70 -15.70 14.54
C LEU B 61 -25.12 -15.81 15.13
N PRO B 62 -25.36 -16.86 15.96
CA PRO B 62 -26.69 -17.05 16.55
C PRO B 62 -27.04 -15.93 17.51
N PRO B 63 -28.34 -15.65 17.73
CA PRO B 63 -28.71 -14.64 18.71
C PRO B 63 -28.50 -15.11 20.16
N VAL B 64 -27.27 -15.02 20.65
CA VAL B 64 -26.96 -15.40 22.02
C VAL B 64 -26.53 -14.18 22.83
N ALA B 65 -26.59 -14.32 24.16
CA ALA B 65 -26.24 -13.25 25.09
C ALA B 65 -24.75 -12.99 25.03
N GLY B 66 -24.40 -11.70 25.15
CA GLY B 66 -23.03 -11.22 24.99
C GLY B 66 -22.57 -10.95 23.57
N LEU B 67 -23.35 -11.38 22.58
CA LEU B 67 -22.98 -11.19 21.18
C LEU B 67 -23.98 -10.31 20.40
N SER B 68 -23.50 -9.15 19.92
CA SER B 68 -24.25 -8.31 18.96
C SER B 68 -23.63 -8.27 17.54
N VAL B 69 -24.47 -8.04 16.53
CA VAL B 69 -24.08 -8.08 15.11
C VAL B 69 -24.67 -6.88 14.36
N ILE B 70 -23.79 -6.08 13.75
CA ILE B 70 -24.21 -4.97 12.85
C ILE B 70 -23.88 -5.38 11.43
N GLU B 71 -24.88 -5.45 10.56
CA GLU B 71 -24.61 -5.74 9.16
C GLU B 71 -24.18 -4.44 8.48
N GLY B 72 -22.89 -4.30 8.22
CA GLY B 72 -22.31 -3.09 7.63
C GLY B 72 -20.86 -3.24 7.19
N SER B 73 -20.26 -2.14 6.74
CA SER B 73 -18.94 -2.20 6.14
C SER B 73 -17.93 -1.33 6.90
N VAL B 74 -16.69 -1.81 6.95
CA VAL B 74 -15.59 -1.01 7.50
C VAL B 74 -15.29 0.22 6.64
N THR B 75 -15.71 0.19 5.37
CA THR B 75 -15.59 1.39 4.50
C THR B 75 -16.55 2.50 4.89
N ASP B 76 -17.59 2.15 5.65
CA ASP B 76 -18.62 3.10 6.09
C ASP B 76 -18.18 3.68 7.40
N ALA B 77 -17.46 4.80 7.32
CA ALA B 77 -16.85 5.43 8.49
C ALA B 77 -17.82 5.97 9.56
N GLY B 78 -19.05 6.31 9.14
CA GLY B 78 -20.08 6.77 10.06
C GLY B 78 -20.75 5.62 10.79
N LEU B 79 -20.94 4.52 10.09
CA LEU B 79 -21.40 3.30 10.75
C LEU B 79 -20.41 2.90 11.88
N LEU B 80 -19.11 3.06 11.62
CA LEU B 80 -18.05 2.74 12.58
C LEU B 80 -17.99 3.67 13.81
N GLU B 81 -18.10 4.98 13.58
CA GLU B 81 -18.02 5.95 14.68
C GLU B 81 -19.19 5.74 15.65
N ARG B 82 -20.37 5.50 15.08
CA ARG B 82 -21.61 5.17 15.82
C ARG B 82 -21.50 3.85 16.62
N ALA B 83 -20.84 2.85 16.03
CA ALA B 83 -20.63 1.54 16.66
C ALA B 83 -19.59 1.60 17.77
N PHE B 84 -18.46 2.27 17.52
CA PHE B 84 -17.47 2.54 18.57
C PHE B 84 -18.04 3.43 19.68
N ASP B 85 -18.97 4.32 19.31
CA ASP B 85 -19.51 5.25 20.28
C ASP B 85 -20.57 4.61 21.18
N SER B 86 -21.44 3.80 20.59
CA SER B 86 -22.43 3.10 21.36
C SER B 86 -21.84 1.95 22.19
N PHE B 87 -20.88 1.19 21.62
CA PHE B 87 -20.37 -0.05 22.23
C PHE B 87 -19.20 0.14 23.21
N LYS B 88 -18.37 1.14 22.95
CA LYS B 88 -17.23 1.47 23.81
C LYS B 88 -16.26 0.29 24.04
N PRO B 89 -15.74 -0.31 22.93
CA PRO B 89 -14.82 -1.44 23.10
C PRO B 89 -13.51 -1.09 23.81
N THR B 90 -13.00 -2.06 24.56
CA THR B 90 -11.69 -1.98 25.20
C THR B 90 -10.66 -2.51 24.19
N HIS B 91 -11.11 -3.42 23.34
CA HIS B 91 -10.21 -4.11 22.39
C HIS B 91 -10.87 -4.23 21.03
N VAL B 92 -10.05 -4.28 19.99
CA VAL B 92 -10.51 -4.39 18.59
C VAL B 92 -9.76 -5.53 17.92
N VAL B 93 -10.51 -6.42 17.27
CA VAL B 93 -9.89 -7.42 16.37
C VAL B 93 -10.38 -7.04 14.96
N HIS B 94 -9.44 -6.64 14.11
CA HIS B 94 -9.71 -6.29 12.73
C HIS B 94 -9.53 -7.49 11.80
N SER B 95 -10.65 -8.12 11.47
CA SER B 95 -10.57 -9.35 10.72
C SER B 95 -11.33 -9.25 9.39
N ALA B 96 -11.79 -8.06 9.07
CA ALA B 96 -12.53 -7.85 7.82
C ALA B 96 -11.54 -7.75 6.67
N ALA B 97 -11.73 -8.55 5.60
CA ALA B 97 -10.92 -8.41 4.39
C ALA B 97 -11.72 -8.73 3.14
N ALA B 98 -11.42 -8.06 2.02
CA ALA B 98 -11.99 -8.41 0.72
C ALA B 98 -10.95 -9.02 -0.20
N TYR B 99 -11.37 -10.01 -0.97
CA TYR B 99 -10.44 -10.81 -1.74
C TYR B 99 -11.06 -11.66 -2.83
N LYS B 100 -12.38 -11.91 -2.74
CA LYS B 100 -12.97 -13.00 -3.55
C LYS B 100 -12.89 -12.77 -5.08
N ASP B 101 -12.92 -11.50 -5.51
CA ASP B 101 -12.70 -11.12 -6.93
C ASP B 101 -11.32 -10.47 -7.18
N PRO B 102 -10.36 -11.25 -7.75
CA PRO B 102 -9.01 -10.72 -7.98
C PRO B 102 -8.97 -9.46 -8.86
N ASP B 103 -10.00 -9.25 -9.69
CA ASP B 103 -10.09 -8.08 -10.59
C ASP B 103 -10.81 -6.87 -10.02
N ASP B 104 -11.43 -7.02 -8.87
CA ASP B 104 -12.14 -5.91 -8.28
C ASP B 104 -11.20 -5.17 -7.31
N TRP B 105 -10.21 -4.48 -7.90
CA TRP B 105 -9.17 -3.77 -7.16
C TRP B 105 -9.80 -2.72 -6.31
N ALA B 106 -10.88 -2.14 -6.80
CA ALA B 106 -11.56 -1.07 -6.09
C ALA B 106 -12.17 -1.53 -4.78
N GLU B 107 -12.73 -2.73 -4.75
CA GLU B 107 -13.29 -3.29 -3.50
C GLU B 107 -12.19 -3.72 -2.53
N ASP B 108 -11.12 -4.36 -3.03
CA ASP B 108 -9.96 -4.64 -2.21
C ASP B 108 -9.38 -3.39 -1.53
N ALA B 109 -9.15 -2.33 -2.32
CA ALA B 109 -8.65 -1.06 -1.78
C ALA B 109 -9.59 -0.40 -0.75
N ALA B 110 -10.89 -0.40 -1.04
CA ALA B 110 -11.86 0.19 -0.14
C ALA B 110 -11.96 -0.60 1.18
N THR B 111 -12.08 -1.92 1.11
CA THR B 111 -12.19 -2.69 2.34
C THR B 111 -10.84 -2.74 3.08
N ASN B 112 -9.78 -3.16 2.36
CA ASN B 112 -8.47 -3.48 2.98
C ASN B 112 -7.61 -2.28 3.29
N VAL B 113 -7.70 -1.22 2.47
CA VAL B 113 -6.96 -0.02 2.80
C VAL B 113 -7.80 0.99 3.59
N GLN B 114 -8.87 1.46 2.96
CA GLN B 114 -9.75 2.44 3.56
C GLN B 114 -10.48 1.93 4.82
N GLY B 115 -10.91 0.68 4.83
CA GLY B 115 -11.51 0.07 6.02
C GLY B 115 -10.54 -0.05 7.19
N SER B 116 -9.25 -0.38 6.94
CA SER B 116 -8.18 -0.37 7.97
C SER B 116 -7.93 1.01 8.54
N ILE B 117 -7.89 2.01 7.65
CA ILE B 117 -7.71 3.37 8.09
C ILE B 117 -8.90 3.80 8.97
N ASN B 118 -10.12 3.48 8.53
CA ASN B 118 -11.32 3.81 9.30
C ASN B 118 -11.31 3.16 10.70
N VAL B 119 -11.01 1.86 10.75
CA VAL B 119 -10.93 1.17 12.03
C VAL B 119 -9.85 1.82 12.92
N ALA B 120 -8.70 2.13 12.33
CA ALA B 120 -7.58 2.74 13.08
C ALA B 120 -7.97 4.06 13.71
N LYS B 121 -8.58 4.94 12.91
CA LYS B 121 -9.00 6.25 13.37
C LYS B 121 -10.07 6.15 14.46
N ALA B 122 -11.04 5.25 14.26
CA ALA B 122 -12.15 5.09 15.18
C ALA B 122 -11.68 4.48 16.51
N ALA B 123 -10.76 3.52 16.45
CA ALA B 123 -10.15 2.94 17.64
C ALA B 123 -9.35 3.96 18.45
N SER B 124 -8.59 4.80 17.76
CA SER B 124 -7.78 5.80 18.43
C SER B 124 -8.65 6.85 19.17
N LYS B 125 -9.69 7.34 18.50
CA LYS B 125 -10.67 8.24 19.09
C LYS B 125 -11.39 7.61 20.29
N ALA B 126 -11.85 6.35 20.15
CA ALA B 126 -12.57 5.60 21.20
C ALA B 126 -11.73 5.14 22.40
N GLY B 127 -10.42 5.36 22.33
CA GLY B 127 -9.48 5.01 23.38
C GLY B 127 -9.20 3.52 23.60
N VAL B 128 -9.25 2.68 22.55
CA VAL B 128 -9.09 1.24 22.77
C VAL B 128 -7.69 0.87 23.28
N LYS B 129 -7.63 -0.15 24.13
CA LYS B 129 -6.37 -0.54 24.74
C LYS B 129 -5.46 -1.25 23.75
N ARG B 130 -6.02 -2.17 22.96
CA ARG B 130 -5.20 -2.98 22.03
C ARG B 130 -5.97 -3.25 20.77
N LEU B 131 -5.23 -3.29 19.66
CA LEU B 131 -5.82 -3.58 18.36
C LEU B 131 -5.04 -4.73 17.71
N LEU B 132 -5.78 -5.73 17.24
CA LEU B 132 -5.20 -6.92 16.65
C LEU B 132 -5.64 -6.99 15.20
N ASN B 133 -4.67 -7.13 14.31
CA ASN B 133 -4.87 -7.20 12.86
C ASN B 133 -4.28 -8.51 12.36
N PHE B 134 -4.89 -9.07 11.31
CA PHE B 134 -4.36 -10.26 10.66
C PHE B 134 -3.88 -9.95 9.28
N GLN B 135 -2.68 -10.41 8.96
CA GLN B 135 -2.05 -10.09 7.70
C GLN B 135 -1.83 -11.37 6.92
N THR B 136 -2.10 -11.29 5.62
CA THR B 136 -1.76 -12.38 4.71
C THR B 136 -0.27 -12.41 4.36
N ALA B 137 0.28 -13.62 4.32
CA ALA B 137 1.65 -13.85 3.83
C ALA B 137 1.87 -13.43 2.39
N LEU B 138 0.78 -13.14 1.67
CA LEU B 138 0.89 -12.51 0.35
C LEU B 138 1.60 -11.18 0.42
N CYS B 139 1.60 -10.55 1.60
CA CYS B 139 2.37 -9.29 1.77
C CYS B 139 3.84 -9.47 1.37
N TYR B 140 4.40 -10.68 1.54
CA TYR B 140 5.82 -10.92 1.20
C TYR B 140 6.11 -11.12 -0.29
N GLY B 141 5.06 -11.30 -1.08
CA GLY B 141 5.21 -11.61 -2.50
C GLY B 141 6.13 -12.82 -2.71
N ARG B 142 7.08 -12.71 -3.65
CA ARG B 142 8.08 -13.76 -3.87
CA ARG B 142 8.08 -13.76 -3.86
C ARG B 142 9.28 -13.53 -2.94
N PRO B 143 9.38 -14.32 -1.85
CA PRO B 143 10.44 -13.99 -0.89
C PRO B 143 11.82 -14.50 -1.35
N ALA B 144 12.87 -13.85 -0.87
CA ALA B 144 14.25 -14.24 -1.23
C ALA B 144 14.76 -15.31 -0.27
N THR B 145 14.23 -15.28 0.95
CA THR B 145 14.61 -16.16 2.07
C THR B 145 13.35 -16.85 2.58
N VAL B 146 13.37 -18.19 2.59
CA VAL B 146 12.34 -19.05 3.21
C VAL B 146 13.04 -20.03 4.18
N PRO B 147 12.54 -20.19 5.41
CA PRO B 147 11.43 -19.48 6.04
C PRO B 147 11.65 -17.97 6.11
N ILE B 148 10.58 -17.26 5.71
CA ILE B 148 10.52 -15.80 5.66
C ILE B 148 10.76 -15.12 7.02
N PRO B 149 11.86 -14.35 7.14
CA PRO B 149 12.12 -13.61 8.39
C PRO B 149 11.14 -12.45 8.52
N ILE B 150 10.85 -12.05 9.75
CA ILE B 150 9.90 -10.96 10.02
C ILE B 150 10.37 -9.59 9.44
N ASP B 151 11.68 -9.45 9.24
CA ASP B 151 12.22 -8.19 8.72
C ASP B 151 12.36 -8.20 7.20
N SER B 152 11.87 -9.25 6.54
CA SER B 152 11.78 -9.33 5.10
C SER B 152 10.90 -8.19 4.55
N PRO B 153 11.23 -7.68 3.33
CA PRO B 153 10.38 -6.64 2.75
C PRO B 153 8.99 -7.14 2.37
N THR B 154 8.05 -6.20 2.32
CA THR B 154 6.78 -6.49 1.69
C THR B 154 6.94 -6.26 0.20
N ALA B 155 6.38 -7.17 -0.61
CA ALA B 155 6.56 -7.13 -2.05
C ALA B 155 5.38 -7.75 -2.81
N PRO B 156 4.13 -7.36 -2.43
CA PRO B 156 2.92 -7.95 -3.00
C PRO B 156 2.76 -7.64 -4.47
N PHE B 157 2.07 -8.52 -5.17
CA PHE B 157 1.92 -8.34 -6.59
C PHE B 157 0.53 -8.77 -7.07
N THR B 158 -0.40 -8.94 -6.12
CA THR B 158 -1.81 -9.18 -6.43
C THR B 158 -2.63 -8.13 -5.70
N SER B 159 -3.84 -7.91 -6.18
CA SER B 159 -4.78 -6.97 -5.55
C SER B 159 -4.93 -7.17 -4.06
N TYR B 160 -5.17 -8.42 -3.67
CA TYR B 160 -5.32 -8.77 -2.24
C TYR B 160 -4.07 -8.40 -1.41
N GLY B 161 -2.88 -8.86 -1.83
CA GLY B 161 -1.64 -8.51 -1.17
C GLY B 161 -1.28 -7.03 -1.17
N ILE B 162 -1.42 -6.31 -2.28
CA ILE B 162 -1.10 -4.90 -2.35
C ILE B 162 -1.98 -4.11 -1.38
N SER B 163 -3.29 -4.39 -1.39
CA SER B 163 -4.23 -3.68 -0.51
C SER B 163 -4.05 -4.01 0.98
N LYS B 164 -3.88 -5.28 1.32
CA LYS B 164 -3.57 -5.70 2.69
C LYS B 164 -2.26 -5.13 3.22
N THR B 165 -1.24 -5.09 2.36
CA THR B 165 0.06 -4.50 2.72
C THR B 165 -0.11 -3.05 3.16
N ALA B 166 -0.88 -2.28 2.43
CA ALA B 166 -1.10 -0.87 2.73
C ALA B 166 -1.96 -0.64 3.95
N GLY B 167 -3.02 -1.40 4.06
CA GLY B 167 -3.80 -1.53 5.25
C GLY B 167 -3.03 -1.75 6.52
N GLU B 168 -2.16 -2.74 6.53
CA GLU B 168 -1.31 -2.96 7.66
C GLU B 168 -0.39 -1.78 7.93
N ALA B 169 0.20 -1.24 6.88
CA ALA B 169 1.09 -0.09 7.03
C ALA B 169 0.45 1.16 7.68
N PHE B 170 -0.81 1.44 7.30
CA PHE B 170 -1.59 2.48 7.95
C PHE B 170 -1.82 2.22 9.43
N LEU B 171 -2.26 0.99 9.74
CA LEU B 171 -2.51 0.54 11.12
C LEU B 171 -1.30 0.69 12.03
N MET B 172 -0.13 0.45 11.47
CA MET B 172 1.14 0.59 12.20
C MET B 172 1.54 2.06 12.45
N MET B 173 0.82 3.01 11.88
CA MET B 173 1.04 4.42 12.21
C MET B 173 0.17 4.83 13.40
N SER B 174 -0.73 3.95 13.82
CA SER B 174 -1.69 4.31 14.85
C SER B 174 -1.04 4.61 16.22
N ASP B 175 -1.69 5.45 17.03
CA ASP B 175 -1.24 5.65 18.42
C ASP B 175 -1.75 4.53 19.35
N VAL B 176 -2.72 3.76 18.88
CA VAL B 176 -3.24 2.58 19.59
C VAL B 176 -2.17 1.52 19.51
N PRO B 177 -1.91 0.78 20.62
CA PRO B 177 -0.99 -0.37 20.49
C PRO B 177 -1.56 -1.41 19.54
N VAL B 178 -0.78 -1.76 18.51
CA VAL B 178 -1.22 -2.65 17.45
C VAL B 178 -0.28 -3.88 17.31
N VAL B 179 -0.90 -5.05 17.23
CA VAL B 179 -0.20 -6.26 16.84
C VAL B 179 -0.76 -6.65 15.47
N SER B 180 0.13 -6.88 14.50
CA SER B 180 -0.27 -7.46 13.25
C SER B 180 0.39 -8.81 13.03
N LEU B 181 -0.45 -9.85 13.05
CA LEU B 181 0.00 -11.20 12.92
C LEU B 181 -0.03 -11.61 11.46
N ARG B 182 1.14 -11.96 10.91
CA ARG B 182 1.24 -12.50 9.57
C ARG B 182 1.05 -14.00 9.71
N LEU B 183 0.06 -14.54 8.99
CA LEU B 183 -0.45 -15.88 9.31
C LEU B 183 -0.09 -16.96 8.31
N ALA B 184 0.32 -18.11 8.87
CA ALA B 184 0.27 -19.42 8.18
C ALA B 184 -1.17 -19.72 7.79
N ASN B 185 -1.36 -20.70 6.92
CA ASN B 185 -2.68 -21.18 6.58
C ASN B 185 -3.26 -21.80 7.86
N VAL B 186 -4.28 -21.14 8.43
CA VAL B 186 -4.88 -21.59 9.68
C VAL B 186 -5.98 -22.62 9.37
N THR B 187 -5.93 -23.75 10.05
CA THR B 187 -6.96 -24.78 9.91
C THR B 187 -7.88 -24.81 11.14
N GLY B 188 -9.03 -25.45 11.01
CA GLY B 188 -9.96 -25.56 12.13
C GLY B 188 -11.41 -25.57 11.72
N PRO B 189 -12.32 -25.36 12.68
CA PRO B 189 -13.75 -25.36 12.38
C PRO B 189 -14.12 -24.40 11.25
N ARG B 190 -14.85 -24.94 10.27
CA ARG B 190 -15.53 -24.17 9.21
C ARG B 190 -14.61 -23.74 8.08
N LEU B 191 -13.39 -24.28 8.06
CA LEU B 191 -12.50 -24.09 6.92
C LEU B 191 -13.01 -24.95 5.77
N ALA B 192 -13.31 -24.32 4.65
CA ALA B 192 -14.05 -25.03 3.59
C ALA B 192 -13.39 -24.87 2.21
N ILE B 193 -12.21 -24.22 2.21
CA ILE B 193 -11.45 -23.96 0.98
C ILE B 193 -10.01 -24.49 1.09
N GLY B 194 -9.35 -24.62 -0.05
CA GLY B 194 -7.99 -25.12 -0.14
C GLY B 194 -7.84 -26.62 -0.33
N PRO B 195 -6.58 -27.11 -0.26
CA PRO B 195 -6.21 -28.50 -0.55
C PRO B 195 -6.80 -29.48 0.45
N ILE B 196 -6.93 -29.08 1.71
CA ILE B 196 -7.44 -30.07 2.67
C ILE B 196 -8.88 -30.55 2.30
N PRO B 197 -9.89 -29.63 2.27
CA PRO B 197 -11.22 -30.04 1.85
C PRO B 197 -11.32 -30.58 0.43
N THR B 198 -10.51 -30.05 -0.49
CA THR B 198 -10.50 -30.47 -1.89
C THR B 198 -10.05 -31.93 -2.03
N PHE B 199 -8.89 -32.27 -1.47
CA PHE B 199 -8.46 -33.67 -1.45
C PHE B 199 -9.43 -34.65 -0.73
N TYR B 200 -9.99 -34.23 0.42
CA TYR B 200 -11.02 -34.97 1.14
C TYR B 200 -12.27 -35.26 0.27
N LYS B 201 -12.95 -34.22 -0.22
CA LYS B 201 -14.12 -34.42 -1.12
C LYS B 201 -13.74 -35.24 -2.38
N ARG B 202 -12.65 -34.87 -3.04
CA ARG B 202 -12.30 -35.54 -4.26
C ARG B 202 -11.95 -37.00 -4.03
N LEU B 203 -11.25 -37.30 -2.94
CA LEU B 203 -10.82 -38.67 -2.71
C LEU B 203 -12.00 -39.56 -2.32
N LYS B 204 -12.98 -38.98 -1.64
CA LYS B 204 -14.21 -39.71 -1.26
C LYS B 204 -15.12 -39.91 -2.49
N ALA B 205 -15.01 -39.02 -3.48
CA ALA B 205 -15.75 -39.06 -4.73
C ALA B 205 -15.03 -39.90 -5.80
N GLY B 206 -13.85 -40.41 -5.48
CA GLY B 206 -13.03 -41.13 -6.45
C GLY B 206 -12.64 -40.28 -7.65
N GLN B 207 -12.32 -39.02 -7.40
CA GLN B 207 -11.89 -38.13 -8.46
C GLN B 207 -10.38 -37.97 -8.47
N LYS B 208 -9.82 -37.75 -9.65
CA LYS B 208 -8.39 -37.54 -9.83
C LYS B 208 -7.91 -36.26 -9.14
N CYS B 209 -6.85 -36.38 -8.34
CA CYS B 209 -6.29 -35.21 -7.65
C CYS B 209 -4.95 -34.79 -8.25
N PHE B 210 -4.64 -33.50 -8.12
CA PHE B 210 -3.34 -32.99 -8.54
C PHE B 210 -2.77 -32.03 -7.50
N CYS B 211 -1.51 -32.28 -7.15
CA CYS B 211 -0.79 -31.52 -6.14
C CYS B 211 0.11 -30.48 -6.79
N SER B 212 -0.14 -29.21 -6.51
CA SER B 212 0.84 -28.16 -6.84
C SER B 212 2.19 -28.49 -6.19
N ASP B 213 3.27 -28.21 -6.93
CA ASP B 213 4.65 -28.46 -6.49
C ASP B 213 5.09 -27.30 -5.58
N THR B 214 4.34 -27.08 -4.51
CA THR B 214 4.61 -25.92 -3.65
C THR B 214 4.74 -26.31 -2.19
N VAL B 215 5.54 -25.52 -1.45
CA VAL B 215 5.62 -25.66 -0.01
C VAL B 215 4.79 -24.58 0.70
N ARG B 216 4.00 -25.02 1.66
CA ARG B 216 3.17 -24.12 2.44
C ARG B 216 3.30 -24.49 3.90
N ASP B 217 2.81 -23.61 4.77
CA ASP B 217 2.77 -23.95 6.18
C ASP B 217 1.36 -23.85 6.70
N PHE B 218 1.11 -24.61 7.76
CA PHE B 218 -0.22 -24.83 8.31
C PHE B 218 -0.18 -24.67 9.83
N LEU B 219 -1.22 -24.01 10.35
CA LEU B 219 -1.32 -23.75 11.78
C LEU B 219 -2.68 -24.21 12.31
N ASP B 220 -2.66 -24.98 13.41
CA ASP B 220 -3.87 -25.45 14.02
C ASP B 220 -4.57 -24.31 14.72
N MET B 221 -5.90 -24.31 14.65
CA MET B 221 -6.70 -23.30 15.29
C MET B 221 -6.33 -23.02 16.75
N SER B 222 -6.00 -24.07 17.51
CA SER B 222 -5.75 -23.91 18.94
C SER B 222 -4.54 -23.03 19.19
N ASP B 223 -3.51 -23.17 18.35
CA ASP B 223 -2.31 -22.35 18.41
C ASP B 223 -2.55 -20.90 17.93
N PHE B 224 -3.38 -20.71 16.90
CA PHE B 224 -3.85 -19.40 16.52
C PHE B 224 -4.53 -18.66 17.70
N LEU B 225 -5.42 -19.36 18.38
CA LEU B 225 -6.13 -18.80 19.51
C LEU B 225 -5.24 -18.33 20.66
N ALA B 226 -4.15 -19.06 20.89
CA ALA B 226 -3.23 -18.80 21.98
C ALA B 226 -2.43 -17.50 21.76
N ILE B 227 -1.92 -17.31 20.55
CA ILE B 227 -1.27 -16.07 20.16
C ILE B 227 -2.24 -14.85 20.06
N ALA B 228 -3.47 -15.09 19.65
CA ALA B 228 -4.52 -14.04 19.65
C ALA B 228 -4.81 -13.55 21.09
N ASP B 229 -4.99 -14.49 22.03
CA ASP B 229 -5.04 -14.16 23.48
C ASP B 229 -3.86 -13.33 23.97
N LEU B 230 -2.64 -13.81 23.75
CA LEU B 230 -1.46 -13.04 24.14
C LEU B 230 -1.43 -11.61 23.56
N SER B 231 -1.73 -11.51 22.27
CA SER B 231 -1.75 -10.24 21.52
C SER B 231 -2.65 -9.12 22.09
N LEU B 232 -3.69 -9.51 22.81
CA LEU B 232 -4.63 -8.55 23.41
C LEU B 232 -4.38 -8.22 24.90
N GLN B 233 -3.29 -8.77 25.45
CA GLN B 233 -2.93 -8.52 26.86
C GLN B 233 -2.23 -7.19 27.06
N GLU B 234 -2.67 -6.38 28.03
CA GLU B 234 -1.98 -5.11 28.30
C GLU B 234 -0.51 -5.35 28.58
N GLY B 235 0.34 -4.48 28.02
CA GLY B 235 1.76 -4.51 28.27
C GLY B 235 2.57 -5.38 27.35
N ARG B 236 1.90 -6.26 26.59
CA ARG B 236 2.61 -7.19 25.69
C ARG B 236 3.19 -6.44 24.50
N PRO B 237 4.15 -7.05 23.76
CA PRO B 237 4.78 -6.36 22.63
C PRO B 237 3.79 -5.97 21.52
N THR B 238 4.20 -4.98 20.74
CA THR B 238 3.38 -4.49 19.63
C THR B 238 4.26 -4.59 18.39
N GLY B 239 3.65 -4.46 17.20
CA GLY B 239 4.42 -4.57 15.98
C GLY B 239 3.94 -5.70 15.09
N VAL B 240 4.75 -6.05 14.08
CA VAL B 240 4.45 -7.17 13.19
C VAL B 240 5.18 -8.48 13.57
N PHE B 241 4.45 -9.59 13.47
CA PHE B 241 4.91 -10.88 13.99
C PHE B 241 4.43 -11.97 13.03
N ASN B 242 5.34 -12.90 12.73
CA ASN B 242 5.01 -14.10 11.99
C ASN B 242 4.45 -15.17 12.92
N VAL B 243 3.38 -15.85 12.50
CA VAL B 243 2.73 -16.86 13.33
C VAL B 243 2.69 -18.16 12.56
N SER B 244 3.56 -19.07 12.98
CA SER B 244 3.76 -20.34 12.31
C SER B 244 4.48 -21.32 13.24
N THR B 245 4.52 -22.60 12.84
CA THR B 245 5.41 -23.60 13.48
C THR B 245 6.81 -23.40 12.96
N GLY B 246 6.90 -22.75 11.81
CA GLY B 246 8.17 -22.49 11.13
C GLY B 246 8.61 -23.63 10.23
N GLU B 247 7.77 -24.65 10.11
CA GLU B 247 8.02 -25.82 9.29
C GLU B 247 7.16 -25.75 8.04
N GLY B 248 7.74 -26.15 6.92
CA GLY B 248 7.01 -26.18 5.69
C GLY B 248 6.79 -27.58 5.20
N HIS B 249 5.65 -27.79 4.55
CA HIS B 249 5.25 -29.10 4.01
C HIS B 249 4.66 -28.90 2.61
N SER B 250 5.01 -29.79 1.69
CA SER B 250 4.52 -29.73 0.32
C SER B 250 3.03 -30.04 0.23
N ILE B 251 2.38 -29.63 -0.85
CA ILE B 251 1.00 -30.03 -1.11
C ILE B 251 0.83 -31.58 -1.19
N LYS B 252 1.81 -32.25 -1.79
CA LYS B 252 1.89 -33.71 -1.82
C LYS B 252 1.84 -34.33 -0.43
N GLU B 253 2.60 -33.77 0.51
CA GLU B 253 2.60 -34.20 1.91
C GLU B 253 1.20 -34.08 2.54
N VAL B 254 0.49 -32.99 2.25
CA VAL B 254 -0.90 -32.81 2.71
C VAL B 254 -1.75 -33.93 2.12
N PHE B 255 -1.70 -34.09 0.79
CA PHE B 255 -2.44 -35.14 0.09
C PHE B 255 -2.25 -36.51 0.73
N ASP B 256 -0.99 -36.86 0.98
CA ASP B 256 -0.61 -38.11 1.63
C ASP B 256 -1.26 -38.33 3.00
N VAL B 257 -1.34 -37.27 3.83
CA VAL B 257 -2.07 -37.37 5.10
C VAL B 257 -3.59 -37.64 4.86
N VAL B 258 -4.19 -36.95 3.88
CA VAL B 258 -5.63 -37.13 3.60
C VAL B 258 -5.90 -38.55 3.11
N LEU B 259 -5.08 -39.01 2.15
CA LEU B 259 -5.23 -40.33 1.53
C LEU B 259 -5.22 -41.44 2.57
N ASP B 260 -4.16 -41.47 3.38
CA ASP B 260 -4.09 -42.38 4.50
C ASP B 260 -5.29 -42.23 5.45
N TYR B 261 -5.66 -41.01 5.79
CA TYR B 261 -6.81 -40.80 6.69
C TYR B 261 -8.10 -41.41 6.14
N VAL B 262 -8.44 -41.04 4.90
CA VAL B 262 -9.67 -41.42 4.21
C VAL B 262 -9.68 -42.91 3.80
N GLY B 263 -8.49 -43.48 3.55
CA GLY B 263 -8.32 -44.89 3.22
C GLY B 263 -8.66 -45.27 1.79
N ALA B 264 -8.21 -44.49 0.81
CA ALA B 264 -8.36 -44.87 -0.59
C ALA B 264 -7.04 -45.43 -1.11
N GLU B 268 -3.53 -44.72 -10.02
CA GLU B 268 -2.26 -44.14 -10.46
C GLU B 268 -1.75 -43.12 -9.43
N PRO B 269 -0.44 -43.20 -9.09
CA PRO B 269 0.19 -42.29 -8.11
C PRO B 269 -0.03 -40.81 -8.46
N VAL B 270 -0.41 -40.00 -7.46
CA VAL B 270 -0.86 -38.61 -7.67
C VAL B 270 0.21 -37.75 -8.38
N PRO B 271 -0.18 -37.07 -9.48
CA PRO B 271 0.80 -36.25 -10.19
C PRO B 271 1.14 -34.95 -9.44
N VAL B 272 2.44 -34.61 -9.44
CA VAL B 272 2.92 -33.31 -8.99
C VAL B 272 2.99 -32.38 -10.20
N VAL B 273 2.16 -31.33 -10.18
CA VAL B 273 1.69 -30.67 -11.40
C VAL B 273 2.33 -29.31 -11.73
N ALA B 274 2.17 -28.33 -10.84
CA ALA B 274 2.31 -26.92 -11.21
C ALA B 274 3.77 -26.37 -11.12
N PRO B 275 4.00 -25.21 -10.42
CA PRO B 275 3.07 -24.20 -9.91
C PRO B 275 2.68 -23.16 -10.95
N GLY B 276 1.46 -22.63 -10.83
CA GLY B 276 0.97 -21.54 -11.67
C GLY B 276 1.83 -20.29 -11.60
N ALA B 277 1.70 -19.45 -12.64
CA ALA B 277 2.48 -18.20 -12.78
C ALA B 277 2.53 -17.32 -11.53
N ASP B 278 1.37 -17.10 -10.90
CA ASP B 278 1.27 -16.21 -9.73
C ASP B 278 1.52 -16.94 -8.38
N ASP B 279 1.76 -18.25 -8.48
CA ASP B 279 1.99 -19.13 -7.31
C ASP B 279 3.46 -19.10 -6.86
N VAL B 280 3.64 -18.76 -5.59
CA VAL B 280 4.96 -18.63 -5.01
C VAL B 280 5.37 -20.05 -4.63
N PRO B 281 6.55 -20.49 -5.07
CA PRO B 281 7.04 -21.83 -4.83
C PRO B 281 6.93 -22.28 -3.37
N SER B 282 7.39 -21.42 -2.47
CA SER B 282 7.50 -21.78 -1.09
C SER B 282 7.15 -20.57 -0.22
N VAL B 283 6.18 -20.78 0.65
CA VAL B 283 5.78 -19.79 1.63
C VAL B 283 5.72 -20.44 3.01
N VAL B 284 6.67 -20.09 3.87
CA VAL B 284 6.79 -20.65 5.22
C VAL B 284 7.31 -19.51 6.04
N LEU B 285 6.70 -19.24 7.18
CA LEU B 285 7.05 -18.07 7.96
C LEU B 285 8.03 -18.44 9.07
N ASP B 286 9.03 -17.59 9.33
CA ASP B 286 9.85 -17.73 10.54
C ASP B 286 9.21 -17.08 11.76
N PRO B 287 8.76 -17.88 12.76
CA PRO B 287 8.13 -17.33 13.97
C PRO B 287 9.09 -16.95 15.10
N SER B 288 10.41 -16.94 14.85
CA SER B 288 11.40 -16.81 15.97
C SER B 288 11.22 -15.56 16.84
N LYS B 289 11.01 -14.40 16.23
CA LYS B 289 10.73 -13.17 17.00
C LYS B 289 9.44 -13.27 17.85
N THR B 290 8.43 -14.01 17.36
CA THR B 290 7.18 -14.18 18.09
C THR B 290 7.38 -15.06 19.33
N GLU B 291 8.17 -16.11 19.16
CA GLU B 291 8.60 -16.99 20.26
C GLU B 291 9.34 -16.19 21.36
N THR B 292 10.42 -15.53 20.97
CA THR B 292 11.15 -14.56 21.83
C THR B 292 10.24 -13.59 22.57
N GLU B 293 9.47 -12.79 21.83
CA GLU B 293 8.76 -11.63 22.41
C GLU B 293 7.49 -11.98 23.17
N PHE B 294 6.82 -13.04 22.76
CA PHE B 294 5.60 -13.39 23.45
C PHE B 294 5.77 -14.60 24.34
N GLY B 295 6.86 -15.35 24.15
CA GLY B 295 6.98 -16.69 24.75
C GLY B 295 5.94 -17.68 24.21
N TRP B 296 5.54 -17.52 22.95
CA TRP B 296 4.54 -18.38 22.36
C TRP B 296 5.25 -19.39 21.48
N LYS B 297 4.71 -20.59 21.39
CA LYS B 297 5.19 -21.53 20.40
C LYS B 297 4.03 -22.43 20.02
N ALA B 298 3.91 -22.72 18.72
CA ALA B 298 2.87 -23.64 18.22
C ALA B 298 3.13 -25.08 18.72
N LYS B 299 2.10 -25.69 19.31
CA LYS B 299 2.20 -27.01 19.93
C LYS B 299 1.73 -28.18 19.05
N VAL B 300 0.84 -27.91 18.08
CA VAL B 300 0.29 -29.00 17.26
C VAL B 300 1.11 -29.14 15.97
N ASP B 301 1.71 -30.31 15.75
CA ASP B 301 2.51 -30.53 14.55
C ASP B 301 1.61 -30.70 13.31
N PHE B 302 2.25 -30.85 12.15
CA PHE B 302 1.61 -30.95 10.84
C PHE B 302 0.58 -32.08 10.72
N LYS B 303 0.98 -33.31 11.05
CA LYS B 303 0.07 -34.47 10.97
C LYS B 303 -1.17 -34.26 11.82
N ASP B 304 -1.00 -33.85 13.06
CA ASP B 304 -2.15 -33.58 13.95
C ASP B 304 -3.03 -32.41 13.46
N THR B 305 -2.41 -31.41 12.83
CA THR B 305 -3.12 -30.25 12.30
C THR B 305 -4.09 -30.66 11.19
N ILE B 306 -3.58 -31.41 10.21
CA ILE B 306 -4.38 -31.84 9.07
C ILE B 306 -5.41 -32.85 9.50
N THR B 307 -4.98 -33.79 10.34
CA THR B 307 -5.84 -34.84 10.86
C THR B 307 -7.01 -34.26 11.62
N GLY B 308 -6.78 -33.28 12.50
CA GLY B 308 -7.87 -32.62 13.22
C GLY B 308 -8.85 -31.86 12.31
N GLN B 309 -8.34 -31.39 11.17
CA GLN B 309 -9.21 -30.76 10.21
C GLN B 309 -10.14 -31.82 9.63
N LEU B 310 -9.55 -32.95 9.20
CA LEU B 310 -10.29 -34.06 8.57
C LEU B 310 -11.27 -34.69 9.52
N ALA B 311 -10.87 -34.78 10.79
CA ALA B 311 -11.77 -35.25 11.84
C ALA B 311 -12.98 -34.34 11.96
N TRP B 312 -12.79 -33.02 11.82
CA TRP B 312 -13.89 -32.08 11.86
C TRP B 312 -14.82 -32.30 10.66
N TYR B 313 -14.26 -32.61 9.49
CA TYR B 313 -15.10 -32.90 8.30
C TYR B 313 -15.97 -34.16 8.49
N ASP B 314 -15.39 -35.19 9.10
CA ASP B 314 -16.11 -36.44 9.43
C ASP B 314 -17.33 -36.21 10.31
N LYS B 315 -17.24 -35.27 11.23
CA LYS B 315 -18.35 -35.00 12.12
C LYS B 315 -19.41 -34.08 11.53
N TYR B 316 -19.01 -33.04 10.79
CA TYR B 316 -19.95 -32.01 10.39
C TYR B 316 -20.08 -31.80 8.88
N GLY B 317 -19.30 -32.55 8.11
CA GLY B 317 -19.17 -32.30 6.68
C GLY B 317 -18.19 -31.16 6.36
N VAL B 318 -17.89 -30.99 5.07
CA VAL B 318 -17.18 -29.82 4.58
C VAL B 318 -18.19 -28.69 4.50
N THR B 319 -18.34 -28.00 5.62
CA THR B 319 -19.32 -26.92 5.74
C THR B 319 -18.68 -25.71 6.39
N ASP B 320 -19.18 -24.53 6.05
CA ASP B 320 -18.76 -23.31 6.69
C ASP B 320 -19.83 -22.68 7.62
N ILE B 321 -20.92 -23.40 7.87
CA ILE B 321 -22.05 -22.86 8.66
C ILE B 321 -22.33 -23.59 10.00
N PHE B 322 -21.61 -24.68 10.29
CA PHE B 322 -21.78 -25.33 11.59
C PHE B 322 -21.25 -24.53 12.77
N SER B 323 -22.19 -24.02 13.57
CA SER B 323 -21.90 -23.27 14.80
C SER B 323 -21.76 -24.15 16.06
N HIS B 324 -20.70 -23.91 16.84
CA HIS B 324 -20.44 -24.62 18.11
C HIS B 324 -21.01 -23.84 19.30
N LEU B 325 -21.76 -22.78 19.00
CA LEU B 325 -22.48 -21.97 19.99
C LEU B 325 -23.90 -22.50 20.16
N SER B 326 -24.42 -22.42 21.37
CA SER B 326 -25.63 -23.17 21.73
C SER B 326 -26.92 -22.47 21.30
MG MG C . 5.17 16.57 -3.68
PA NAD D . 1.54 19.03 -7.16
O1A NAD D . 1.95 20.31 -7.77
O2A NAD D . 0.93 19.19 -5.80
O5B NAD D . 0.49 18.39 -8.16
C5B NAD D . -0.40 17.36 -7.80
C4B NAD D . -1.73 17.80 -8.41
O4B NAD D . -2.74 16.85 -8.17
C3B NAD D . -2.23 19.11 -7.83
O3B NAD D . -2.39 20.01 -8.90
C2B NAD D . -3.54 18.77 -7.14
O2B NAD D . -4.53 19.79 -7.25
C1B NAD D . -3.95 17.51 -7.88
N9A NAD D . -4.81 16.58 -7.11
C8A NAD D . -4.73 16.19 -5.81
N7A NAD D . -5.70 15.30 -5.57
C5A NAD D . -6.42 15.10 -6.70
C6A NAD D . -7.53 14.31 -7.02
N6A NAD D . -8.18 13.52 -6.13
N1A NAD D . -8.02 14.38 -8.32
C2A NAD D . -7.42 15.17 -9.29
N3A NAD D . -6.34 15.95 -8.95
C4A NAD D . -5.85 15.91 -7.68
O3 NAD D . 2.84 18.11 -7.06
PN NAD D . 3.94 17.77 -8.19
O1N NAD D . 5.27 18.13 -7.66
O2N NAD D . 3.54 18.35 -9.50
O5D NAD D . 3.90 16.18 -8.30
C5D NAD D . 3.18 15.51 -9.34
C4D NAD D . 3.40 14.00 -9.25
O4D NAD D . 4.78 13.69 -9.19
C3D NAD D . 2.78 13.48 -7.97
O3D NAD D . 2.18 12.24 -8.23
C2D NAD D . 3.99 13.33 -7.06
O2D NAD D . 3.77 12.39 -6.02
C1D NAD D . 5.08 12.93 -8.03
N1N NAD D . 6.43 13.33 -7.62
C2N NAD D . 6.80 14.66 -7.71
C3N NAD D . 8.06 15.06 -7.31
C7N NAD D . 8.56 16.44 -7.61
O7N NAD D . 9.92 16.60 -7.44
N7N NAD D . 7.79 17.45 -8.02
C4N NAD D . 8.96 14.10 -6.83
C5N NAD D . 8.57 12.77 -6.74
C6N NAD D . 7.30 12.39 -7.13
PA NAD E . -13.09 -14.69 5.87
O1A NAD E . -13.83 -15.82 6.45
O2A NAD E . -13.42 -14.57 4.43
O5B NAD E . -13.17 -13.15 6.35
C5B NAD E . -13.69 -12.48 7.44
C4B NAD E . -14.83 -11.54 7.01
O4B NAD E . -14.57 -10.27 6.46
C3B NAD E . -15.89 -12.21 6.16
O3B NAD E . -16.77 -12.68 7.17
C2B NAD E . -16.40 -11.05 5.29
O2B NAD E . -17.80 -11.02 5.19
C1B NAD E . -15.84 -9.82 6.02
N9A NAD E . -15.78 -8.57 5.24
C8A NAD E . -15.32 -8.38 3.96
N7A NAD E . -15.44 -7.10 3.63
C5A NAD E . -15.95 -6.39 4.66
C6A NAD E . -16.30 -5.06 4.87
N6A NAD E . -15.99 -4.07 4.04
N1A NAD E . -16.82 -4.67 6.11
C2A NAD E . -17.01 -5.61 7.13
N3A NAD E . -16.71 -6.93 6.86
C4A NAD E . -16.17 -7.33 5.69
O3 NAD E . -11.50 -14.99 5.91
PN NAD E . -10.62 -15.45 7.19
O1N NAD E . -9.83 -16.59 6.76
O2N NAD E . -11.43 -15.54 8.45
O5D NAD E . -9.59 -14.22 7.38
C5D NAD E . -9.77 -13.18 8.35
C4D NAD E . -8.59 -12.20 8.30
O4D NAD E . -7.35 -12.93 8.43
C3D NAD E . -8.45 -11.48 6.96
O3D NAD E . -7.97 -10.17 7.20
C2D NAD E . -7.39 -12.27 6.20
O2D NAD E . -6.72 -11.48 5.24
C1D NAD E . -6.49 -12.74 7.32
N1N NAD E . -5.75 -13.99 7.02
C2N NAD E . -6.36 -15.20 7.16
C3N NAD E . -5.66 -16.38 6.89
C7N NAD E . -6.29 -17.70 7.19
O7N NAD E . -5.42 -18.78 7.24
N7N NAD E . -7.61 -17.86 7.42
C4N NAD E . -4.33 -16.31 6.49
C5N NAD E . -3.70 -15.07 6.37
C6N NAD E . -4.42 -13.91 6.64
#